data_9UET
#
_entry.id   9UET
#
loop_
_entity.id
_entity.type
_entity.pdbx_description
1 polymer 'Cholinephosphotransferase 1'
2 non-polymer '(2S)-3-(hexadecanoyloxy)-2-[(9Z)-octadec-9-enoyloxy]propyl 2-(trimethylammonio)ethyl phosphate'
3 non-polymer 'MAGNESIUM ION'
#
_entity_poly.entity_id   1
_entity_poly.type   'polypeptide(L)'
_entity_poly.pdbx_seq_one_letter_code
;MAAGAGAGSAPRWLRALSEPLSAAQLRRLEEHRYSAAGVSLLEPPLQLYWTWLLQWIPLWMAPNSITLLGLAVNVVTTLV
LISYCPTATEEAPYWTYLLCALGLFIYQSLDAIDGKQARRTNSCSPLGELFDHGCDSLSTVFMAVGASIAARLGTYPDWF
FFCSFIGMFVFYCAHWQTYVSGMLRFGKVDVTEIQIALVIVFVLSAFGGATMWDYTIPILEIKLKILPVLGFLGGVIFSC
SNYFHVILHGGVGKNGSTIAGTSVLSPGLHIGLIIILAIMIYKKSATDVFEKHPCLYILMFGCVFAKVSQKLVVAHMTKS
ELYLQDTVFLGPGLLFLDQYFNNFIDEYVVLWMAMVISSFDMVIYFSALCLQISRHLHLNIFKTACHQAPEQVQVLSSKS
HQNNMD
;
_entity_poly.pdbx_strand_id   A,B
#
# COMPACT_ATOMS: atom_id res chain seq x y z
N ALA A 16 5.08 -15.19 14.25
CA ALA A 16 4.36 -13.92 14.25
C ALA A 16 2.85 -14.14 14.20
N LEU A 17 2.46 -15.36 13.81
CA LEU A 17 1.03 -15.69 13.78
C LEU A 17 0.46 -15.80 15.19
N SER A 18 1.14 -16.55 16.05
CA SER A 18 0.60 -16.89 17.36
C SER A 18 0.86 -15.84 18.43
N GLU A 19 1.62 -14.79 18.13
CA GLU A 19 1.88 -13.70 19.07
C GLU A 19 1.66 -12.36 18.38
N PRO A 20 0.39 -11.98 18.15
CA PRO A 20 0.13 -10.69 17.49
C PRO A 20 0.34 -9.47 18.36
N LEU A 21 0.60 -9.63 19.66
CA LEU A 21 0.86 -8.49 20.55
C LEU A 21 2.22 -8.62 21.21
N SER A 22 2.71 -7.49 21.68
CA SER A 22 3.97 -7.42 22.43
C SER A 22 3.69 -7.38 23.92
N ALA A 23 4.77 -7.53 24.71
CA ALA A 23 4.63 -7.51 26.16
C ALA A 23 4.16 -6.14 26.66
N ALA A 24 4.68 -5.07 26.06
CA ALA A 24 4.26 -3.74 26.48
C ALA A 24 2.81 -3.47 26.11
N GLN A 25 2.37 -3.99 24.96
CA GLN A 25 0.96 -3.86 24.59
C GLN A 25 0.08 -4.60 25.59
N LEU A 26 0.52 -5.77 26.05
CA LEU A 26 -0.20 -6.47 27.09
C LEU A 26 -0.21 -5.66 28.38
N ARG A 27 0.87 -4.92 28.66
CA ARG A 27 0.90 -4.09 29.85
C ARG A 27 -0.12 -2.95 29.77
N ARG A 28 -0.17 -2.25 28.63
CA ARG A 28 -1.19 -1.20 28.54
C ARG A 28 -2.60 -1.78 28.53
N LEU A 29 -2.79 -2.99 27.97
CA LEU A 29 -4.11 -3.61 28.02
C LEU A 29 -4.50 -3.94 29.46
N GLU A 30 -3.54 -4.39 30.26
CA GLU A 30 -3.81 -4.60 31.68
C GLU A 30 -4.11 -3.28 32.38
N GLU A 31 -3.49 -2.19 31.95
CA GLU A 31 -3.74 -0.89 32.56
C GLU A 31 -5.10 -0.31 32.20
N HIS A 32 -5.68 -0.72 31.07
CA HIS A 32 -6.90 -0.09 30.57
C HIS A 32 -8.09 -0.34 31.48
N ARG A 33 -9.00 0.63 31.53
CA ARG A 33 -10.24 0.53 32.28
C ARG A 33 -11.40 0.94 31.38
N TYR A 34 -12.51 0.20 31.50
CA TYR A 34 -13.67 0.43 30.63
C TYR A 34 -14.54 1.56 31.18
N SER A 35 -15.05 2.38 30.27
CA SER A 35 -15.92 3.48 30.64
C SER A 35 -16.93 3.74 29.52
N ALA A 36 -18.08 4.29 29.89
CA ALA A 36 -19.13 4.60 28.94
C ALA A 36 -20.00 5.71 29.50
N ALA A 37 -20.52 6.55 28.60
CA ALA A 37 -21.31 7.72 28.99
C ALA A 37 -22.53 7.85 28.08
N GLY A 38 -23.27 6.75 27.89
CA GLY A 38 -24.37 6.78 26.96
C GLY A 38 -25.74 6.46 27.52
N VAL A 39 -26.66 7.42 27.45
CA VAL A 39 -28.06 7.24 27.86
C VAL A 39 -28.93 7.84 26.77
N SER A 40 -29.92 7.08 26.31
CA SER A 40 -30.85 7.57 25.30
C SER A 40 -32.26 7.10 25.69
N LEU A 41 -33.20 7.18 24.75
CA LEU A 41 -34.60 6.97 25.05
C LEU A 41 -34.97 5.52 25.33
N LEU A 42 -34.49 4.57 24.52
CA LEU A 42 -35.05 3.22 24.54
C LEU A 42 -34.41 2.29 25.57
N GLU A 43 -33.36 2.72 26.25
CA GLU A 43 -32.74 1.84 27.24
C GLU A 43 -33.57 1.69 28.51
N PRO A 44 -34.08 2.74 29.17
CA PRO A 44 -34.76 2.57 30.47
C PRO A 44 -35.93 1.58 30.44
N PRO A 45 -36.73 1.51 29.35
CA PRO A 45 -37.70 0.39 29.31
C PRO A 45 -37.06 -0.99 29.18
N LEU A 46 -35.81 -1.08 28.72
CA LEU A 46 -35.19 -2.37 28.46
C LEU A 46 -34.26 -2.83 29.58
N GLN A 47 -33.82 -1.93 30.45
CA GLN A 47 -32.90 -2.30 31.53
C GLN A 47 -33.55 -3.32 32.46
N LEU A 48 -34.80 -3.08 32.85
CA LEU A 48 -35.52 -4.00 33.73
C LEU A 48 -35.71 -5.35 33.04
N TYR A 49 -36.02 -5.34 31.75
CA TYR A 49 -36.22 -6.58 31.00
C TYR A 49 -34.92 -7.38 30.95
N TRP A 50 -33.80 -6.70 30.70
CA TRP A 50 -32.51 -7.37 30.64
C TRP A 50 -32.13 -7.97 32.00
N THR A 51 -32.37 -7.22 33.08
CA THR A 51 -32.09 -7.76 34.41
C THR A 51 -32.98 -8.96 34.72
N TRP A 52 -34.24 -8.89 34.30
CA TRP A 52 -35.19 -9.97 34.55
C TRP A 52 -34.79 -11.25 33.82
N LEU A 53 -34.31 -11.12 32.58
CA LEU A 53 -33.71 -12.28 31.95
C LEU A 53 -32.37 -12.64 32.55
N LEU A 54 -31.72 -11.71 33.26
CA LEU A 54 -30.40 -12.00 33.78
C LEU A 54 -30.42 -12.92 34.98
N GLN A 55 -31.35 -12.71 35.95
CA GLN A 55 -31.13 -13.40 37.24
C GLN A 55 -31.27 -14.92 37.11
N TRP A 56 -31.96 -15.40 36.08
CA TRP A 56 -32.14 -16.83 35.91
C TRP A 56 -30.88 -17.52 35.41
N ILE A 57 -29.94 -16.76 34.86
CA ILE A 57 -28.71 -17.35 34.33
C ILE A 57 -27.80 -17.73 35.50
N PRO A 58 -27.27 -18.94 35.52
CA PRO A 58 -26.35 -19.34 36.60
C PRO A 58 -25.06 -18.53 36.56
N LEU A 59 -24.49 -18.33 37.74
CA LEU A 59 -23.34 -17.45 37.89
C LEU A 59 -22.04 -18.04 37.37
N TRP A 60 -21.98 -19.35 37.15
CA TRP A 60 -20.75 -19.97 36.70
C TRP A 60 -20.52 -19.86 35.20
N MET A 61 -21.49 -19.35 34.45
CA MET A 61 -21.36 -19.24 33.00
C MET A 61 -20.43 -18.08 32.67
N ALA A 62 -19.47 -18.34 31.79
CA ALA A 62 -18.51 -17.32 31.40
C ALA A 62 -19.18 -16.28 30.51
N PRO A 63 -18.74 -15.02 30.60
CA PRO A 63 -19.37 -13.98 29.75
C PRO A 63 -19.10 -14.20 28.27
N ASN A 64 -17.88 -14.60 27.92
CA ASN A 64 -17.56 -14.82 26.52
C ASN A 64 -18.38 -15.97 25.93
N SER A 65 -18.80 -16.92 26.76
CA SER A 65 -19.72 -17.95 26.29
C SER A 65 -21.05 -17.34 25.88
N ILE A 66 -21.53 -16.36 26.64
CA ILE A 66 -22.75 -15.66 26.28
C ILE A 66 -22.57 -14.92 24.95
N THR A 67 -21.45 -14.21 24.80
CA THR A 67 -21.19 -13.49 23.55
C THR A 67 -21.17 -14.43 22.36
N LEU A 68 -20.46 -15.55 22.51
CA LEU A 68 -20.32 -16.51 21.43
C LEU A 68 -21.66 -17.16 21.10
N LEU A 69 -22.47 -17.44 22.11
CA LEU A 69 -23.78 -18.04 21.84
C LEU A 69 -24.65 -17.08 21.04
N GLY A 70 -24.66 -15.81 21.43
CA GLY A 70 -25.43 -14.83 20.68
C GLY A 70 -24.95 -14.69 19.25
N LEU A 71 -23.63 -14.58 19.06
CA LEU A 71 -23.08 -14.44 17.72
C LEU A 71 -23.37 -15.66 16.88
N ALA A 72 -23.25 -16.85 17.46
CA ALA A 72 -23.51 -18.08 16.71
C ALA A 72 -24.96 -18.17 16.28
N VAL A 73 -25.89 -17.82 17.17
CA VAL A 73 -27.30 -17.87 16.81
C VAL A 73 -27.60 -16.89 15.68
N ASN A 74 -27.08 -15.66 15.79
CA ASN A 74 -27.34 -14.68 14.74
C ASN A 74 -26.72 -15.09 13.41
N VAL A 75 -25.49 -15.58 13.44
CA VAL A 75 -24.81 -15.98 12.21
C VAL A 75 -25.52 -17.14 11.55
N VAL A 76 -25.94 -18.14 12.34
CA VAL A 76 -26.61 -19.30 11.76
C VAL A 76 -27.94 -18.90 11.13
N THR A 77 -28.74 -18.09 11.83
CA THR A 77 -30.04 -17.71 11.27
C THR A 77 -29.87 -16.86 10.03
N THR A 78 -28.95 -15.89 10.04
CA THR A 78 -28.74 -15.07 8.86
C THR A 78 -28.15 -15.88 7.71
N LEU A 79 -27.34 -16.89 8.01
CA LEU A 79 -26.81 -17.74 6.95
C LEU A 79 -27.91 -18.57 6.31
N VAL A 80 -28.85 -19.07 7.11
CA VAL A 80 -29.98 -19.81 6.54
C VAL A 80 -30.83 -18.90 5.67
N LEU A 81 -31.11 -17.68 6.14
CA LEU A 81 -31.86 -16.73 5.34
C LEU A 81 -31.12 -16.35 4.05
N ILE A 82 -29.79 -16.27 4.11
CA ILE A 82 -29.01 -16.03 2.90
C ILE A 82 -29.10 -17.24 1.97
N SER A 83 -29.13 -18.44 2.55
CA SER A 83 -29.23 -19.66 1.74
C SER A 83 -30.52 -19.69 0.95
N TYR A 84 -31.64 -19.27 1.56
CA TYR A 84 -32.87 -19.27 0.78
C TYR A 84 -33.02 -18.06 -0.12
N CYS A 85 -32.15 -17.08 -0.02
CA CYS A 85 -32.20 -15.89 -0.90
C CYS A 85 -30.79 -15.37 -1.13
N PRO A 86 -30.01 -16.01 -1.99
CA PRO A 86 -28.66 -15.50 -2.28
C PRO A 86 -28.68 -14.12 -2.91
N THR A 87 -29.68 -13.82 -3.71
CA THR A 87 -29.88 -12.48 -4.23
C THR A 87 -30.88 -11.76 -3.32
N ALA A 88 -31.34 -10.60 -3.77
CA ALA A 88 -32.25 -9.82 -2.96
C ALA A 88 -33.50 -9.42 -3.74
N THR A 89 -33.92 -10.23 -4.72
CA THR A 89 -35.09 -9.93 -5.52
C THR A 89 -36.17 -11.00 -5.39
N GLU A 90 -36.13 -11.81 -4.34
CA GLU A 90 -37.06 -12.91 -4.16
C GLU A 90 -37.35 -13.11 -2.69
N GLU A 91 -38.49 -13.73 -2.41
CA GLU A 91 -39.00 -13.85 -1.05
C GLU A 91 -38.73 -15.24 -0.50
N ALA A 92 -38.15 -15.29 0.70
CA ALA A 92 -38.04 -16.52 1.46
C ALA A 92 -39.34 -16.77 2.21
N PRO A 93 -39.57 -18.01 2.67
CA PRO A 93 -40.74 -18.27 3.52
C PRO A 93 -40.69 -17.47 4.81
N TYR A 94 -41.86 -17.17 5.35
CA TYR A 94 -41.96 -16.27 6.50
C TYR A 94 -41.35 -16.85 7.77
N TRP A 95 -41.24 -18.17 7.88
CA TRP A 95 -40.72 -18.77 9.10
C TRP A 95 -39.25 -18.40 9.30
N THR A 96 -38.47 -18.30 8.22
CA THR A 96 -37.08 -17.90 8.39
C THR A 96 -36.96 -16.42 8.72
N TYR A 97 -37.91 -15.59 8.27
CA TYR A 97 -37.94 -14.19 8.70
C TYR A 97 -38.18 -14.09 10.20
N LEU A 98 -39.17 -14.84 10.71
CA LEU A 98 -39.42 -14.80 12.15
C LEU A 98 -38.25 -15.37 12.94
N LEU A 99 -37.63 -16.44 12.44
CA LEU A 99 -36.50 -17.03 13.14
C LEU A 99 -35.30 -16.08 13.17
N CYS A 100 -35.02 -15.39 12.07
CA CYS A 100 -33.92 -14.44 12.08
C CYS A 100 -34.22 -13.23 12.95
N ALA A 101 -35.48 -12.80 13.02
CA ALA A 101 -35.84 -11.74 13.96
C ALA A 101 -35.63 -12.16 15.40
N LEU A 102 -36.03 -13.39 15.74
CA LEU A 102 -35.82 -13.89 17.09
C LEU A 102 -34.33 -14.03 17.38
N GLY A 103 -33.55 -14.39 16.37
CA GLY A 103 -32.11 -14.44 16.54
C GLY A 103 -31.52 -13.07 16.84
N LEU A 104 -32.00 -12.04 16.15
CA LEU A 104 -31.51 -10.69 16.42
C LEU A 104 -31.88 -10.25 17.83
N PHE A 105 -33.11 -10.52 18.25
CA PHE A 105 -33.54 -10.12 19.59
C PHE A 105 -32.78 -10.86 20.67
N ILE A 106 -32.57 -12.17 20.52
CA ILE A 106 -31.82 -12.90 21.53
C ILE A 106 -30.35 -12.48 21.51
N TYR A 107 -29.84 -12.05 20.35
CA TYR A 107 -28.47 -11.55 20.30
C TYR A 107 -28.33 -10.27 21.11
N GLN A 108 -29.27 -9.34 20.93
CA GLN A 108 -29.23 -8.10 21.70
C GLN A 108 -29.37 -8.38 23.19
N SER A 109 -30.27 -9.29 23.54
CA SER A 109 -30.46 -9.64 24.95
C SER A 109 -29.19 -10.24 25.54
N LEU A 110 -28.53 -11.13 24.81
CA LEU A 110 -27.31 -11.75 25.33
C LEU A 110 -26.16 -10.75 25.40
N ASP A 111 -26.12 -9.77 24.50
CA ASP A 111 -25.08 -8.73 24.61
C ASP A 111 -25.28 -7.87 25.85
N ALA A 112 -26.53 -7.44 26.11
CA ALA A 112 -26.76 -6.68 27.34
C ALA A 112 -26.43 -7.52 28.57
N ILE A 113 -26.81 -8.79 28.52
CA ILE A 113 -26.54 -9.70 29.63
C ILE A 113 -25.03 -9.85 29.85
N ASP A 114 -24.25 -9.97 28.77
CA ASP A 114 -22.83 -10.25 28.95
C ASP A 114 -22.12 -9.03 29.49
N GLY A 115 -22.53 -7.84 29.03
CA GLY A 115 -21.99 -6.61 29.59
C GLY A 115 -22.30 -6.48 31.07
N LYS A 116 -23.52 -6.83 31.46
CA LYS A 116 -23.91 -6.71 32.86
C LYS A 116 -23.56 -7.79 33.88
N GLN A 117 -23.77 -9.04 33.52
CA GLN A 117 -23.46 -10.12 34.40
C GLN A 117 -22.08 -10.56 34.52
N ALA A 118 -21.25 -10.00 33.67
CA ALA A 118 -19.87 -10.34 33.73
C ALA A 118 -19.25 -9.52 34.81
N ARG A 119 -19.81 -8.36 35.06
CA ARG A 119 -19.23 -7.49 36.05
C ARG A 119 -19.42 -8.10 37.39
N ARG A 120 -20.31 -9.07 37.45
CA ARG A 120 -20.62 -9.65 38.72
C ARG A 120 -19.49 -10.44 39.39
N THR A 121 -18.43 -10.78 38.66
CA THR A 121 -17.39 -11.64 39.19
C THR A 121 -16.35 -10.60 38.86
N ASN A 122 -15.13 -10.73 39.38
CA ASN A 122 -14.07 -9.81 39.00
C ASN A 122 -13.67 -10.42 37.69
N SER A 123 -14.60 -10.48 36.76
CA SER A 123 -14.32 -11.05 35.48
C SER A 123 -14.08 -9.89 34.60
N CYS A 124 -14.55 -8.72 35.04
CA CYS A 124 -14.27 -7.53 34.30
C CYS A 124 -12.83 -7.75 34.00
N SER A 125 -12.49 -7.77 32.74
CA SER A 125 -11.14 -8.08 32.38
C SER A 125 -11.14 -7.51 31.00
N PRO A 126 -9.96 -7.28 30.46
CA PRO A 126 -10.00 -6.86 29.08
C PRO A 126 -10.20 -7.82 27.97
N LEU A 127 -10.59 -9.04 28.24
CA LEU A 127 -10.90 -9.94 27.17
C LEU A 127 -12.39 -9.93 27.08
N GLY A 128 -12.98 -9.15 27.95
CA GLY A 128 -14.43 -9.05 27.98
C GLY A 128 -14.77 -8.06 26.94
N GLU A 129 -13.83 -7.22 26.61
CA GLU A 129 -14.07 -6.37 25.52
C GLU A 129 -13.08 -7.01 24.60
N LEU A 130 -12.58 -6.32 23.61
CA LEU A 130 -11.76 -6.99 22.64
C LEU A 130 -12.46 -8.28 22.35
N PHE A 131 -13.77 -8.30 22.55
CA PHE A 131 -14.58 -9.45 22.22
C PHE A 131 -15.92 -8.85 21.87
N ASP A 132 -16.66 -8.35 22.85
CA ASP A 132 -17.90 -7.70 22.49
C ASP A 132 -17.64 -6.77 21.33
N HIS A 133 -16.50 -6.11 21.25
CA HIS A 133 -16.24 -5.36 20.07
C HIS A 133 -15.74 -6.12 18.89
N GLY A 134 -15.48 -7.41 19.02
CA GLY A 134 -15.31 -8.21 17.81
C GLY A 134 -16.61 -8.89 17.39
N CYS A 135 -17.30 -9.50 18.35
CA CYS A 135 -18.58 -10.13 18.05
C CYS A 135 -19.60 -9.10 17.58
N ASP A 136 -19.54 -7.89 18.13
CA ASP A 136 -20.46 -6.84 17.69
C ASP A 136 -20.17 -6.42 16.26
N SER A 137 -18.89 -6.40 15.85
CA SER A 137 -18.58 -6.09 14.46
C SER A 137 -19.14 -7.13 13.51
N LEU A 138 -18.91 -8.41 13.82
CA LEU A 138 -19.47 -9.47 12.98
C LEU A 138 -20.99 -9.39 12.92
N SER A 139 -21.62 -9.13 14.07
CA SER A 139 -23.07 -9.03 14.09
C SER A 139 -23.56 -7.82 13.32
N THR A 140 -22.80 -6.73 13.30
CA THR A 140 -23.17 -5.57 12.50
C THR A 140 -23.25 -5.93 11.03
N VAL A 141 -22.23 -6.61 10.53
CA VAL A 141 -22.23 -6.97 9.11
C VAL A 141 -23.39 -7.92 8.79
N PHE A 142 -23.55 -8.97 9.62
CA PHE A 142 -24.59 -9.96 9.35
C PHE A 142 -25.98 -9.35 9.46
N MET A 143 -26.17 -8.44 10.42
CA MET A 143 -27.47 -7.82 10.61
C MET A 143 -27.79 -6.88 9.46
N ALA A 144 -26.79 -6.16 8.94
CA ALA A 144 -27.03 -5.32 7.78
C ALA A 144 -27.45 -6.14 6.58
N VAL A 145 -26.77 -7.27 6.35
CA VAL A 145 -27.15 -8.13 5.23
C VAL A 145 -28.56 -8.67 5.43
N GLY A 146 -28.88 -9.13 6.65
CA GLY A 146 -30.20 -9.69 6.88
C GLY A 146 -31.31 -8.68 6.71
N ALA A 147 -31.14 -7.48 7.27
CA ALA A 147 -32.16 -6.45 7.11
C ALA A 147 -32.30 -6.03 5.67
N SER A 148 -31.20 -5.96 4.94
CA SER A 148 -31.29 -5.54 3.54
C SER A 148 -31.93 -6.62 2.67
N ILE A 149 -31.74 -7.90 3.00
CA ILE A 149 -32.44 -8.93 2.27
C ILE A 149 -33.92 -8.90 2.56
N ALA A 150 -34.29 -8.79 3.84
CA ALA A 150 -35.71 -8.89 4.19
C ALA A 150 -36.54 -7.77 3.59
N ALA A 151 -35.94 -6.62 3.34
CA ALA A 151 -36.64 -5.55 2.67
C ALA A 151 -36.58 -5.66 1.15
N ARG A 152 -35.91 -6.69 0.62
CA ARG A 152 -35.81 -6.96 -0.81
C ARG A 152 -35.21 -5.77 -1.56
N LEU A 153 -34.02 -5.38 -1.15
CA LEU A 153 -33.39 -4.22 -1.78
C LEU A 153 -32.74 -4.53 -3.11
N GLY A 154 -32.85 -5.76 -3.62
CA GLY A 154 -32.28 -6.10 -4.91
C GLY A 154 -32.89 -5.33 -6.07
N THR A 155 -34.12 -4.87 -5.94
CA THR A 155 -34.71 -4.03 -6.97
C THR A 155 -34.08 -2.65 -7.03
N TYR A 156 -33.39 -2.24 -5.96
CA TYR A 156 -32.63 -0.99 -5.93
C TYR A 156 -31.22 -1.33 -5.47
N PRO A 157 -30.41 -1.97 -6.32
CA PRO A 157 -29.14 -2.53 -5.85
C PRO A 157 -28.19 -1.53 -5.25
N ASP A 158 -28.17 -0.30 -5.78
CA ASP A 158 -27.29 0.74 -5.24
C ASP A 158 -27.52 0.93 -3.74
N TRP A 159 -28.78 1.10 -3.33
CA TRP A 159 -29.10 1.19 -1.90
C TRP A 159 -28.60 -0.04 -1.16
N PHE A 160 -28.89 -1.23 -1.71
CA PHE A 160 -28.47 -2.47 -1.05
C PHE A 160 -26.97 -2.52 -0.86
N PHE A 161 -26.22 -1.82 -1.72
CA PHE A 161 -24.81 -1.62 -1.43
C PHE A 161 -24.64 -0.50 -0.43
N PHE A 162 -25.07 0.71 -0.79
CA PHE A 162 -24.66 1.92 -0.10
C PHE A 162 -25.10 1.90 1.35
N CYS A 163 -26.40 1.66 1.58
CA CYS A 163 -26.93 1.54 2.93
C CYS A 163 -26.15 0.54 3.75
N SER A 164 -25.87 -0.63 3.18
CA SER A 164 -25.15 -1.66 3.92
C SER A 164 -23.77 -1.17 4.33
N PHE A 165 -23.07 -0.48 3.44
CA PHE A 165 -21.74 -0.03 3.82
C PHE A 165 -21.82 1.16 4.78
N ILE A 166 -22.90 1.93 4.72
CA ILE A 166 -23.11 2.92 5.78
C ILE A 166 -23.28 2.20 7.11
N GLY A 167 -23.96 1.05 7.09
CA GLY A 167 -24.07 0.24 8.29
C GLY A 167 -22.74 -0.21 8.85
N MET A 168 -21.69 -0.22 8.03
CA MET A 168 -20.37 -0.43 8.57
C MET A 168 -19.80 0.88 9.09
N PHE A 169 -19.87 1.92 8.26
CA PHE A 169 -19.09 3.13 8.50
C PHE A 169 -19.46 3.79 9.82
N VAL A 170 -20.76 3.88 10.12
CA VAL A 170 -21.22 4.44 11.38
C VAL A 170 -20.58 3.70 12.54
N PHE A 171 -20.59 2.37 12.49
CA PHE A 171 -19.95 1.56 13.50
C PHE A 171 -18.51 1.98 13.69
N TYR A 172 -17.78 2.11 12.58
CA TYR A 172 -16.38 2.53 12.66
C TYR A 172 -16.26 3.88 13.31
N CYS A 173 -17.13 4.82 12.92
CA CYS A 173 -17.10 6.16 13.52
C CYS A 173 -17.26 6.08 15.02
N ALA A 174 -18.16 5.21 15.48
CA ALA A 174 -18.34 5.06 16.92
C ALA A 174 -17.04 4.67 17.59
N HIS A 175 -16.38 3.64 17.07
CA HIS A 175 -15.12 3.27 17.67
C HIS A 175 -14.05 4.32 17.43
N TRP A 176 -14.14 5.02 16.28
CA TRP A 176 -13.24 6.14 16.04
C TRP A 176 -13.40 7.18 17.13
N GLN A 177 -14.65 7.44 17.54
CA GLN A 177 -14.92 8.34 18.65
C GLN A 177 -14.16 7.91 19.89
N THR A 178 -14.26 6.60 20.22
CA THR A 178 -13.58 6.09 21.40
C THR A 178 -12.08 6.30 21.28
N TYR A 179 -11.54 6.16 20.07
CA TYR A 179 -10.10 6.28 19.87
C TYR A 179 -9.58 7.66 20.20
N VAL A 180 -10.44 8.68 20.23
CA VAL A 180 -9.98 10.01 20.60
C VAL A 180 -10.60 10.47 21.90
N SER A 181 -11.30 9.60 22.61
CA SER A 181 -11.80 9.97 23.92
C SER A 181 -11.62 8.90 24.99
N GLY A 182 -11.30 7.67 24.63
CA GLY A 182 -11.10 6.62 25.61
C GLY A 182 -12.37 6.13 26.27
N MET A 183 -13.53 6.68 25.91
CA MET A 183 -14.80 6.32 26.52
C MET A 183 -15.88 6.37 25.45
N LEU A 184 -16.78 5.39 25.50
CA LEU A 184 -17.80 5.27 24.47
C LEU A 184 -18.94 6.23 24.78
N ARG A 185 -19.19 7.17 23.87
CA ARG A 185 -20.34 8.06 23.95
C ARG A 185 -21.39 7.53 22.99
N PHE A 186 -22.59 7.24 23.50
CA PHE A 186 -23.61 6.63 22.67
C PHE A 186 -24.35 7.66 21.82
N GLY A 187 -25.05 8.57 22.46
CA GLY A 187 -25.88 9.54 21.78
C GLY A 187 -27.36 9.26 21.98
N LYS A 188 -28.16 10.23 21.57
CA LYS A 188 -29.60 10.19 21.81
C LYS A 188 -30.31 9.15 20.95
N VAL A 189 -29.69 8.71 19.86
CA VAL A 189 -30.20 7.59 19.08
C VAL A 189 -29.02 6.66 18.83
N ASP A 190 -29.22 5.38 19.09
CA ASP A 190 -28.09 4.47 19.12
C ASP A 190 -28.57 3.05 18.81
N VAL A 191 -27.79 2.06 19.23
CA VAL A 191 -27.88 0.69 18.76
C VAL A 191 -29.24 0.09 19.04
N THR A 192 -29.83 0.43 20.19
CA THR A 192 -31.11 -0.14 20.55
C THR A 192 -32.20 0.28 19.58
N GLU A 193 -32.15 1.53 19.10
CA GLU A 193 -33.12 2.00 18.12
C GLU A 193 -33.00 1.23 16.81
N ILE A 194 -31.78 1.02 16.32
CA ILE A 194 -31.59 0.24 15.09
C ILE A 194 -32.08 -1.19 15.29
N GLN A 195 -31.73 -1.79 16.44
CA GLN A 195 -32.09 -3.18 16.65
C GLN A 195 -33.60 -3.37 16.73
N ILE A 196 -34.30 -2.47 17.43
CA ILE A 196 -35.75 -2.60 17.47
C ILE A 196 -36.37 -2.29 16.11
N ALA A 197 -35.80 -1.34 15.36
CA ALA A 197 -36.31 -1.04 14.03
C ALA A 197 -36.14 -2.23 13.10
N LEU A 198 -35.02 -2.94 13.22
CA LEU A 198 -34.77 -4.07 12.35
C LEU A 198 -35.59 -5.29 12.74
N VAL A 199 -35.85 -5.50 14.04
CA VAL A 199 -36.76 -6.59 14.35
C VAL A 199 -38.18 -6.22 13.93
N ILE A 200 -38.52 -4.93 13.93
CA ILE A 200 -39.83 -4.49 13.41
C ILE A 200 -39.93 -4.77 11.91
N VAL A 201 -38.89 -4.42 11.14
CA VAL A 201 -38.97 -4.66 9.69
C VAL A 201 -38.97 -6.16 9.41
N PHE A 202 -38.27 -6.94 10.22
CA PHE A 202 -38.29 -8.39 10.05
C PHE A 202 -39.68 -8.96 10.30
N VAL A 203 -40.31 -8.58 11.42
CA VAL A 203 -41.63 -9.16 11.72
C VAL A 203 -42.68 -8.62 10.76
N LEU A 204 -42.48 -7.41 10.22
CA LEU A 204 -43.42 -6.87 9.26
C LEU A 204 -43.31 -7.60 7.94
N SER A 205 -42.09 -7.89 7.49
CA SER A 205 -41.93 -8.68 6.27
C SER A 205 -42.27 -10.15 6.50
N ALA A 206 -42.35 -10.59 7.75
CA ALA A 206 -42.75 -11.96 8.03
C ALA A 206 -44.27 -12.11 8.02
N PHE A 207 -44.97 -11.34 8.86
CA PHE A 207 -46.41 -11.50 9.01
C PHE A 207 -47.14 -11.16 7.71
N GLY A 208 -46.80 -10.03 7.10
CA GLY A 208 -47.31 -9.71 5.79
C GLY A 208 -46.38 -10.19 4.69
N GLY A 209 -46.90 -10.22 3.47
CA GLY A 209 -46.07 -10.55 2.34
C GLY A 209 -45.03 -9.48 2.08
N ALA A 210 -43.86 -9.91 1.63
CA ALA A 210 -42.77 -8.97 1.35
C ALA A 210 -43.07 -8.11 0.13
N THR A 211 -44.02 -8.52 -0.71
CA THR A 211 -44.37 -7.75 -1.89
C THR A 211 -44.93 -6.38 -1.56
N MET A 212 -45.37 -6.15 -0.32
CA MET A 212 -45.80 -4.83 0.08
C MET A 212 -44.67 -3.81 0.03
N TRP A 213 -43.42 -4.27 0.06
CA TRP A 213 -42.31 -3.35 -0.12
C TRP A 213 -42.23 -2.82 -1.54
N ASP A 214 -42.93 -3.41 -2.49
CA ASP A 214 -43.04 -2.88 -3.84
C ASP A 214 -44.22 -1.93 -4.02
N TYR A 215 -45.07 -1.79 -3.00
CA TYR A 215 -46.25 -0.93 -3.11
C TYR A 215 -45.82 0.51 -2.94
N THR A 216 -45.87 1.28 -4.03
CA THR A 216 -45.49 2.68 -3.95
C THR A 216 -46.56 3.49 -3.24
N ILE A 217 -46.16 4.66 -2.77
CA ILE A 217 -47.10 5.58 -2.14
C ILE A 217 -47.71 6.46 -3.23
N PRO A 218 -49.04 6.60 -3.27
CA PRO A 218 -49.65 7.48 -4.28
C PRO A 218 -49.39 8.96 -4.03
N ILE A 219 -48.89 9.32 -2.85
CA ILE A 219 -48.66 10.73 -2.54
C ILE A 219 -47.51 11.29 -3.38
N LEU A 220 -46.39 10.56 -3.44
CA LEU A 220 -45.20 11.06 -4.11
C LEU A 220 -44.52 10.02 -5.00
N GLU A 221 -45.18 8.89 -5.26
CA GLU A 221 -44.68 7.84 -6.15
C GLU A 221 -43.30 7.34 -5.72
N ILE A 222 -43.20 6.99 -4.44
CA ILE A 222 -41.96 6.49 -3.84
C ILE A 222 -42.15 5.03 -3.49
N LYS A 223 -41.14 4.22 -3.78
CA LYS A 223 -41.24 2.76 -3.79
C LYS A 223 -41.47 2.16 -2.41
N LEU A 224 -41.34 2.95 -1.34
CA LEU A 224 -41.49 2.65 0.08
C LEU A 224 -40.29 1.86 0.63
N LYS A 225 -39.38 1.38 -0.21
CA LYS A 225 -38.10 0.92 0.29
C LYS A 225 -37.16 2.09 0.54
N ILE A 226 -37.60 3.30 0.24
CA ILE A 226 -36.78 4.50 0.31
C ILE A 226 -37.02 5.20 1.63
N LEU A 227 -38.25 5.12 2.15
CA LEU A 227 -38.55 5.80 3.40
C LEU A 227 -37.77 5.28 4.60
N PRO A 228 -37.71 3.97 4.89
CA PRO A 228 -36.89 3.54 6.03
C PRO A 228 -35.41 3.75 5.82
N VAL A 229 -34.91 3.60 4.59
CA VAL A 229 -33.49 3.80 4.38
C VAL A 229 -33.12 5.28 4.49
N LEU A 230 -34.02 6.20 4.13
CA LEU A 230 -33.73 7.61 4.36
C LEU A 230 -33.90 8.02 5.81
N GLY A 231 -34.81 7.39 6.55
CA GLY A 231 -34.82 7.60 7.99
C GLY A 231 -33.52 7.15 8.64
N PHE A 232 -33.04 5.97 8.24
CA PHE A 232 -31.76 5.47 8.72
C PHE A 232 -30.63 6.40 8.32
N LEU A 233 -30.67 6.91 7.08
CA LEU A 233 -29.62 7.81 6.63
C LEU A 233 -29.62 9.11 7.42
N GLY A 234 -30.79 9.67 7.72
CA GLY A 234 -30.85 10.87 8.52
C GLY A 234 -30.32 10.65 9.93
N GLY A 235 -30.69 9.53 10.55
CA GLY A 235 -30.12 9.20 11.85
C GLY A 235 -28.62 9.01 11.78
N VAL A 236 -28.13 8.44 10.68
CA VAL A 236 -26.69 8.36 10.44
C VAL A 236 -26.08 9.75 10.41
N ILE A 237 -26.76 10.71 9.79
CA ILE A 237 -26.24 12.08 9.75
C ILE A 237 -26.13 12.65 11.16
N PHE A 238 -27.17 12.46 11.98
CA PHE A 238 -27.09 12.93 13.37
C PHE A 238 -25.94 12.28 14.12
N SER A 239 -25.84 10.95 14.07
CA SER A 239 -24.82 10.25 14.85
C SER A 239 -23.43 10.54 14.35
N CYS A 240 -23.25 10.67 13.04
CA CYS A 240 -21.93 10.93 12.49
C CYS A 240 -21.49 12.36 12.74
N SER A 241 -22.43 13.32 12.76
CA SER A 241 -22.06 14.67 13.18
C SER A 241 -21.66 14.68 14.64
N ASN A 242 -22.41 13.96 15.48
CA ASN A 242 -22.09 13.89 16.91
C ASN A 242 -20.71 13.26 17.12
N TYR A 243 -20.37 12.24 16.35
CA TYR A 243 -19.04 11.64 16.43
C TYR A 243 -17.96 12.59 15.91
N PHE A 244 -18.15 13.16 14.72
CA PHE A 244 -17.10 13.96 14.10
C PHE A 244 -16.80 15.24 14.86
N HIS A 245 -17.76 15.77 15.62
CA HIS A 245 -17.47 16.97 16.40
C HIS A 245 -16.34 16.73 17.39
N VAL A 246 -16.35 15.58 18.07
CA VAL A 246 -15.27 15.26 19.00
C VAL A 246 -14.10 14.56 18.29
N ILE A 247 -14.32 14.00 17.10
CA ILE A 247 -13.18 13.56 16.29
C ILE A 247 -12.28 14.75 15.95
N LEU A 248 -12.89 15.87 15.55
CA LEU A 248 -12.13 17.06 15.19
C LEU A 248 -11.93 18.02 16.34
N HIS A 249 -12.49 17.74 17.52
CA HIS A 249 -12.30 18.63 18.66
C HIS A 249 -12.06 17.91 19.97
N GLY A 250 -11.58 16.67 19.94
CA GLY A 250 -11.19 16.00 21.17
C GLY A 250 -9.72 15.64 21.19
N GLY A 251 -8.94 16.32 22.02
CA GLY A 251 -7.53 16.01 22.15
C GLY A 251 -7.18 15.62 23.56
N VAL A 252 -6.83 14.35 23.77
CA VAL A 252 -6.63 13.80 25.10
C VAL A 252 -5.16 13.49 25.36
N GLY A 253 -4.55 12.69 24.49
CA GLY A 253 -3.16 12.30 24.71
C GLY A 253 -2.16 13.42 24.50
N LYS A 254 -2.53 14.45 23.75
CA LYS A 254 -1.66 15.58 23.49
C LYS A 254 -2.53 16.81 23.34
N ASN A 255 -1.98 17.87 22.74
CA ASN A 255 -2.72 19.12 22.57
C ASN A 255 -3.96 18.93 21.71
N GLY A 256 -3.85 18.14 20.65
CA GLY A 256 -5.00 17.87 19.81
C GLY A 256 -5.04 16.47 19.24
N SER A 257 -4.15 15.59 19.67
CA SER A 257 -4.03 14.28 19.08
C SER A 257 -4.90 13.28 19.82
N THR A 258 -4.71 12.00 19.55
CA THR A 258 -5.52 10.94 20.11
C THR A 258 -4.87 10.39 21.38
N ILE A 259 -5.48 9.34 21.95
CA ILE A 259 -5.00 8.77 23.19
C ILE A 259 -3.66 8.07 23.05
N ALA A 260 -3.22 7.79 21.83
CA ALA A 260 -1.90 7.22 21.59
C ALA A 260 -0.95 8.21 20.93
N GLY A 261 -1.36 9.47 20.78
CA GLY A 261 -0.54 10.48 20.15
C GLY A 261 -0.63 10.53 18.65
N THR A 262 -1.32 9.57 18.03
CA THR A 262 -1.46 9.52 16.59
C THR A 262 -2.42 10.63 16.12
N SER A 263 -2.22 11.11 14.91
CA SER A 263 -3.08 12.14 14.34
C SER A 263 -4.52 11.63 14.29
N VAL A 264 -5.46 12.54 14.55
CA VAL A 264 -6.86 12.17 14.71
C VAL A 264 -7.47 11.64 13.43
N LEU A 265 -6.95 12.04 12.27
CA LEU A 265 -7.54 11.62 11.01
C LEU A 265 -6.93 10.33 10.48
N SER A 266 -5.94 9.76 11.17
CA SER A 266 -5.32 8.53 10.71
C SER A 266 -6.27 7.33 10.66
N PRO A 267 -7.06 7.00 11.71
CA PRO A 267 -7.87 5.78 11.63
C PRO A 267 -8.95 5.83 10.58
N GLY A 268 -9.35 7.01 10.11
CA GLY A 268 -10.32 7.08 9.03
C GLY A 268 -9.83 6.51 7.73
N LEU A 269 -8.50 6.43 7.55
CA LEU A 269 -7.94 5.91 6.31
C LEU A 269 -8.32 4.45 6.09
N HIS A 270 -8.42 3.66 7.16
CA HIS A 270 -8.76 2.25 7.01
C HIS A 270 -10.14 2.07 6.40
N ILE A 271 -11.15 2.71 7.02
CA ILE A 271 -12.50 2.54 6.49
C ILE A 271 -12.66 3.28 5.18
N GLY A 272 -11.88 4.35 4.96
CA GLY A 272 -11.90 5.00 3.67
C GLY A 272 -11.39 4.09 2.57
N LEU A 273 -10.30 3.36 2.84
CA LEU A 273 -9.77 2.45 1.84
C LEU A 273 -10.73 1.30 1.58
N ILE A 274 -11.38 0.79 2.63
CA ILE A 274 -12.33 -0.30 2.43
C ILE A 274 -13.52 0.16 1.58
N ILE A 275 -14.08 1.34 1.90
CA ILE A 275 -15.23 1.82 1.16
C ILE A 275 -14.85 2.18 -0.27
N ILE A 276 -13.66 2.73 -0.47
CA ILE A 276 -13.22 3.08 -1.81
C ILE A 276 -12.98 1.84 -2.66
N LEU A 277 -12.40 0.79 -2.06
CA LEU A 277 -12.27 -0.46 -2.80
C LEU A 277 -13.63 -1.05 -3.15
N ALA A 278 -14.59 -0.94 -2.23
CA ALA A 278 -15.94 -1.42 -2.54
C ALA A 278 -16.56 -0.65 -3.68
N ILE A 279 -16.35 0.67 -3.71
CA ILE A 279 -16.89 1.49 -4.81
C ILE A 279 -16.28 1.07 -6.13
N MET A 280 -14.95 0.89 -6.18
CA MET A 280 -14.33 0.51 -7.45
C MET A 280 -14.79 -0.88 -7.91
N ILE A 281 -14.84 -1.85 -7.01
CA ILE A 281 -15.21 -3.19 -7.48
C ILE A 281 -16.70 -3.25 -7.82
N TYR A 282 -17.52 -2.42 -7.19
CA TYR A 282 -18.88 -2.22 -7.68
C TYR A 282 -18.90 -1.71 -9.11
N LYS A 283 -18.25 -0.58 -9.35
CA LYS A 283 -18.52 0.14 -10.60
C LYS A 283 -17.80 -0.48 -11.78
N LYS A 284 -16.61 -1.03 -11.58
CA LYS A 284 -15.80 -1.47 -12.70
C LYS A 284 -16.30 -2.79 -13.29
N SER A 285 -16.92 -3.65 -12.47
CA SER A 285 -17.18 -5.04 -12.84
C SER A 285 -17.95 -5.20 -14.15
N ALA A 286 -17.27 -5.74 -15.17
CA ALA A 286 -17.90 -5.93 -16.46
C ALA A 286 -18.96 -7.02 -16.40
N THR A 287 -18.61 -8.17 -15.81
CA THR A 287 -19.61 -9.14 -15.42
C THR A 287 -20.25 -8.65 -14.14
N ASP A 288 -21.56 -8.55 -14.12
CA ASP A 288 -22.25 -7.99 -12.96
C ASP A 288 -22.21 -9.00 -11.82
N VAL A 289 -21.31 -8.78 -10.85
CA VAL A 289 -21.23 -9.68 -9.70
C VAL A 289 -22.46 -9.53 -8.81
N PHE A 290 -23.04 -8.33 -8.74
CA PHE A 290 -24.16 -8.12 -7.83
C PHE A 290 -25.44 -8.76 -8.31
N GLU A 291 -25.86 -8.47 -9.53
CA GLU A 291 -27.21 -8.83 -9.94
C GLU A 291 -27.40 -10.33 -10.07
N LYS A 292 -26.30 -11.10 -10.05
CA LYS A 292 -26.37 -12.55 -10.03
C LYS A 292 -25.94 -13.16 -8.70
N HIS A 293 -25.07 -12.49 -7.93
CA HIS A 293 -24.70 -13.07 -6.64
C HIS A 293 -24.22 -12.01 -5.66
N PRO A 294 -25.11 -11.29 -4.97
CA PRO A 294 -24.69 -10.41 -3.88
C PRO A 294 -24.62 -11.20 -2.60
N CYS A 295 -24.41 -10.54 -1.47
CA CYS A 295 -24.37 -11.12 -0.12
C CYS A 295 -23.18 -12.04 0.09
N LEU A 296 -22.42 -12.36 -0.95
CA LEU A 296 -21.08 -12.88 -0.79
C LEU A 296 -20.06 -11.76 -0.87
N TYR A 297 -20.34 -10.76 -1.70
CA TYR A 297 -19.49 -9.59 -1.78
C TYR A 297 -19.54 -8.80 -0.48
N ILE A 298 -20.75 -8.54 0.03
CA ILE A 298 -20.87 -7.81 1.28
C ILE A 298 -20.32 -8.64 2.44
N LEU A 299 -20.45 -9.96 2.40
CA LEU A 299 -19.82 -10.75 3.46
C LEU A 299 -18.31 -10.73 3.37
N MET A 300 -17.74 -10.63 2.16
CA MET A 300 -16.28 -10.59 2.05
C MET A 300 -15.74 -9.28 2.59
N PHE A 301 -16.32 -8.16 2.18
CA PHE A 301 -15.98 -6.93 2.88
C PHE A 301 -16.43 -6.95 4.33
N GLY A 302 -17.37 -7.82 4.70
CA GLY A 302 -17.72 -7.95 6.10
C GLY A 302 -16.59 -8.52 6.93
N CYS A 303 -15.96 -9.59 6.44
CA CYS A 303 -14.82 -10.14 7.16
C CYS A 303 -13.64 -9.18 7.15
N VAL A 304 -13.41 -8.49 6.04
CA VAL A 304 -12.30 -7.53 5.98
C VAL A 304 -12.54 -6.38 6.96
N PHE A 305 -13.75 -5.80 6.94
CA PHE A 305 -14.09 -4.74 7.86
C PHE A 305 -14.11 -5.23 9.30
N ALA A 306 -14.43 -6.51 9.51
CA ALA A 306 -14.38 -7.07 10.85
C ALA A 306 -12.97 -7.06 11.40
N LYS A 307 -12.00 -7.49 10.60
CA LYS A 307 -10.62 -7.44 11.09
C LYS A 307 -10.15 -6.01 11.29
N VAL A 308 -10.51 -5.10 10.37
CA VAL A 308 -10.05 -3.72 10.53
C VAL A 308 -10.64 -3.08 11.78
N SER A 309 -11.93 -3.32 12.04
CA SER A 309 -12.53 -2.77 13.25
C SER A 309 -11.98 -3.44 14.51
N GLN A 310 -11.67 -4.74 14.45
CA GLN A 310 -11.04 -5.39 15.60
C GLN A 310 -9.67 -4.76 15.89
N LYS A 311 -8.93 -4.43 14.83
CA LYS A 311 -7.64 -3.77 15.02
C LYS A 311 -7.82 -2.41 15.66
N LEU A 312 -8.84 -1.66 15.26
CA LEU A 312 -9.06 -0.38 15.92
C LEU A 312 -9.52 -0.56 17.37
N VAL A 313 -10.25 -1.64 17.66
CA VAL A 313 -10.61 -1.93 19.04
C VAL A 313 -9.36 -2.13 19.88
N VAL A 314 -8.44 -2.97 19.39
CA VAL A 314 -7.17 -3.19 20.07
C VAL A 314 -6.41 -1.89 20.20
N ALA A 315 -6.49 -1.04 19.19
CA ALA A 315 -5.77 0.23 19.24
C ALA A 315 -6.34 1.18 20.28
N HIS A 316 -7.66 1.19 20.52
CA HIS A 316 -8.11 2.19 21.48
C HIS A 316 -8.10 1.66 22.89
N MET A 317 -8.25 0.35 23.11
CA MET A 317 -8.08 -0.07 24.49
C MET A 317 -6.65 -0.48 24.82
N THR A 318 -5.75 -0.46 23.85
CA THR A 318 -4.33 -0.61 24.10
C THR A 318 -3.62 0.46 23.29
N LYS A 319 -3.05 1.45 23.97
CA LYS A 319 -2.61 2.67 23.31
C LYS A 319 -1.52 2.39 22.29
N SER A 320 -1.87 2.46 21.01
CA SER A 320 -0.95 2.11 19.95
C SER A 320 -1.39 2.82 18.68
N GLU A 321 -0.48 2.88 17.71
CA GLU A 321 -0.77 3.51 16.43
C GLU A 321 -1.46 2.50 15.52
N LEU A 322 -2.34 3.00 14.65
CA LEU A 322 -2.96 2.14 13.66
C LEU A 322 -1.97 1.82 12.55
N TYR A 323 -2.16 0.67 11.92
CA TYR A 323 -1.32 0.22 10.84
C TYR A 323 -2.19 -0.10 9.63
N LEU A 324 -1.81 0.43 8.47
CA LEU A 324 -2.52 0.09 7.23
C LEU A 324 -2.17 -1.29 6.72
N GLN A 325 -0.94 -1.75 6.96
CA GLN A 325 -0.49 -3.02 6.42
C GLN A 325 -1.25 -4.15 7.11
N ASP A 326 -2.11 -4.83 6.36
CA ASP A 326 -2.85 -5.97 6.89
C ASP A 326 -2.92 -7.04 5.81
N THR A 327 -2.97 -8.30 6.26
CA THR A 327 -3.00 -9.40 5.30
C THR A 327 -4.38 -9.56 4.66
N VAL A 328 -5.45 -9.16 5.34
CA VAL A 328 -6.78 -9.39 4.79
C VAL A 328 -7.10 -8.47 3.64
N PHE A 329 -6.31 -7.42 3.43
CA PHE A 329 -6.51 -6.67 2.19
C PHE A 329 -6.07 -7.45 0.98
N LEU A 330 -5.44 -8.62 1.16
CA LEU A 330 -5.26 -9.55 0.06
C LEU A 330 -6.59 -10.08 -0.46
N GLY A 331 -7.65 -10.02 0.34
CA GLY A 331 -8.93 -10.53 -0.06
C GLY A 331 -9.60 -9.71 -1.15
N PRO A 332 -10.03 -8.49 -0.82
CA PRO A 332 -10.59 -7.61 -1.85
C PRO A 332 -9.58 -7.28 -2.92
N GLY A 333 -8.31 -7.10 -2.54
CA GLY A 333 -7.29 -6.72 -3.50
C GLY A 333 -7.16 -7.73 -4.61
N LEU A 334 -7.32 -9.01 -4.30
CA LEU A 334 -7.31 -10.05 -5.32
C LEU A 334 -8.36 -9.75 -6.39
N LEU A 335 -9.59 -9.44 -5.97
CA LEU A 335 -10.62 -9.02 -6.92
C LEU A 335 -10.13 -7.88 -7.77
N PHE A 336 -9.53 -6.88 -7.13
CA PHE A 336 -8.99 -5.73 -7.83
C PHE A 336 -8.04 -6.16 -8.94
N LEU A 337 -7.11 -7.06 -8.60
CA LEU A 337 -6.18 -7.52 -9.62
C LEU A 337 -6.91 -8.29 -10.71
N ASP A 338 -7.85 -9.16 -10.32
CA ASP A 338 -8.56 -9.91 -11.33
C ASP A 338 -9.52 -9.00 -12.09
N GLN A 339 -9.79 -7.81 -11.55
CA GLN A 339 -10.51 -6.82 -12.34
C GLN A 339 -9.58 -5.84 -13.03
N TYR A 340 -8.35 -5.71 -12.56
CA TYR A 340 -7.44 -4.82 -13.27
C TYR A 340 -7.12 -5.37 -14.64
N PHE A 341 -6.91 -6.68 -14.74
CA PHE A 341 -6.77 -7.32 -16.04
C PHE A 341 -8.18 -7.49 -16.61
N ASN A 342 -8.31 -8.22 -17.69
CA ASN A 342 -9.62 -8.76 -17.97
C ASN A 342 -9.92 -9.87 -16.98
N ASN A 343 -11.13 -10.40 -17.04
CA ASN A 343 -11.54 -11.41 -16.07
C ASN A 343 -10.53 -12.39 -16.68
N PHE A 344 -9.68 -12.93 -15.81
CA PHE A 344 -8.62 -13.82 -16.22
C PHE A 344 -9.11 -15.10 -15.56
N ILE A 345 -9.60 -14.99 -14.33
CA ILE A 345 -10.35 -16.05 -13.69
C ILE A 345 -11.77 -15.54 -13.52
N ASP A 346 -12.75 -16.45 -13.60
CA ASP A 346 -14.16 -16.08 -13.48
C ASP A 346 -14.41 -15.42 -12.13
N GLU A 347 -15.11 -14.29 -12.15
CA GLU A 347 -15.14 -13.41 -10.99
C GLU A 347 -15.84 -14.03 -9.80
N TYR A 348 -16.84 -14.88 -10.04
CA TYR A 348 -17.51 -15.55 -8.94
C TYR A 348 -16.54 -16.48 -8.21
N VAL A 349 -15.66 -17.16 -8.95
CA VAL A 349 -14.74 -18.10 -8.31
C VAL A 349 -13.67 -17.35 -7.51
N VAL A 350 -13.14 -16.25 -8.06
CA VAL A 350 -12.16 -15.49 -7.29
C VAL A 350 -12.83 -14.80 -6.10
N LEU A 351 -14.12 -14.47 -6.21
CA LEU A 351 -14.82 -13.92 -5.04
C LEU A 351 -14.94 -14.97 -3.94
N TRP A 352 -15.23 -16.21 -4.31
CA TRP A 352 -15.25 -17.26 -3.29
C TRP A 352 -13.87 -17.53 -2.71
N MET A 353 -12.83 -17.44 -3.54
CA MET A 353 -11.48 -17.57 -3.01
C MET A 353 -11.17 -16.44 -2.03
N ALA A 354 -11.64 -15.23 -2.33
CA ALA A 354 -11.44 -14.10 -1.43
C ALA A 354 -12.20 -14.31 -0.12
N MET A 355 -13.44 -14.81 -0.20
CA MET A 355 -14.16 -15.31 0.97
C MET A 355 -13.31 -16.22 1.83
N VAL A 356 -12.75 -17.27 1.23
CA VAL A 356 -12.03 -18.27 2.01
C VAL A 356 -10.78 -17.66 2.65
N ILE A 357 -9.99 -16.90 1.86
CA ILE A 357 -8.73 -16.40 2.39
C ILE A 357 -8.97 -15.33 3.47
N SER A 358 -9.93 -14.43 3.24
CA SER A 358 -10.21 -13.41 4.25
C SER A 358 -10.82 -14.01 5.49
N SER A 359 -11.71 -14.99 5.35
CA SER A 359 -12.30 -15.63 6.51
C SER A 359 -11.26 -16.33 7.35
N PHE A 360 -10.37 -17.12 6.73
CA PHE A 360 -9.32 -17.76 7.51
C PHE A 360 -8.38 -16.76 8.16
N ASP A 361 -7.99 -15.70 7.45
CA ASP A 361 -7.07 -14.75 8.07
C ASP A 361 -7.72 -14.03 9.24
N MET A 362 -9.00 -13.64 9.10
CA MET A 362 -9.69 -12.99 10.22
C MET A 362 -9.85 -13.93 11.41
N VAL A 363 -10.27 -15.17 11.15
CA VAL A 363 -10.50 -16.11 12.24
C VAL A 363 -9.19 -16.43 12.94
N ILE A 364 -8.12 -16.64 12.17
CA ILE A 364 -6.82 -16.95 12.76
C ILE A 364 -6.32 -15.78 13.59
N TYR A 365 -6.46 -14.56 13.09
CA TYR A 365 -6.03 -13.39 13.86
C TYR A 365 -6.81 -13.28 15.16
N PHE A 366 -8.13 -13.46 15.09
CA PHE A 366 -8.95 -13.23 16.28
C PHE A 366 -8.71 -14.31 17.33
N SER A 367 -8.64 -15.58 16.91
CA SER A 367 -8.37 -16.64 17.86
C SER A 367 -6.96 -16.53 18.45
N ALA A 368 -5.98 -16.14 17.63
CA ALA A 368 -4.64 -15.93 18.16
C ALA A 368 -4.62 -14.80 19.16
N LEU A 369 -5.37 -13.73 18.90
CA LEU A 369 -5.43 -12.61 19.83
C LEU A 369 -6.01 -13.04 21.16
N CYS A 370 -7.15 -13.73 21.12
CA CYS A 370 -7.75 -14.16 22.38
C CYS A 370 -6.88 -15.16 23.12
N LEU A 371 -6.22 -16.07 22.38
CA LEU A 371 -5.33 -17.03 23.03
C LEU A 371 -4.15 -16.35 23.69
N GLN A 372 -3.55 -15.36 23.02
CA GLN A 372 -2.43 -14.64 23.63
C GLN A 372 -2.86 -13.87 24.85
N ILE A 373 -4.03 -13.21 24.79
CA ILE A 373 -4.52 -12.47 25.94
C ILE A 373 -4.78 -13.41 27.12
N SER A 374 -5.36 -14.58 26.83
CA SER A 374 -5.62 -15.55 27.89
C SER A 374 -4.33 -16.10 28.49
N ARG A 375 -3.33 -16.39 27.65
CA ARG A 375 -2.12 -17.01 28.14
C ARG A 375 -1.25 -16.02 28.92
N HIS A 376 -1.20 -14.77 28.47
CA HIS A 376 -0.36 -13.79 29.18
C HIS A 376 -0.90 -13.50 30.57
N LEU A 377 -2.22 -13.40 30.72
CA LEU A 377 -2.82 -13.15 32.01
C LEU A 377 -2.98 -14.40 32.85
N HIS A 378 -2.62 -15.57 32.31
CA HIS A 378 -2.77 -16.86 32.99
C HIS A 378 -4.22 -17.08 33.42
N LEU A 379 -5.15 -16.70 32.54
CA LEU A 379 -6.58 -16.83 32.80
C LEU A 379 -7.22 -17.64 31.68
N ASN A 380 -8.12 -18.54 32.05
CA ASN A 380 -8.86 -19.31 31.06
C ASN A 380 -9.83 -18.40 30.32
N ILE A 381 -10.10 -18.76 29.05
CA ILE A 381 -11.07 -18.00 28.27
C ILE A 381 -12.47 -18.16 28.84
N PHE A 382 -12.73 -19.26 29.55
CA PHE A 382 -14.00 -19.50 30.21
C PHE A 382 -13.73 -19.68 31.70
N LYS A 383 -14.47 -18.94 32.52
CA LYS A 383 -14.31 -19.05 33.97
C LYS A 383 -15.60 -19.53 34.63
N ALA B 16 7.23 18.88 7.12
CA ALA B 16 7.78 17.57 6.83
C ALA B 16 8.48 17.56 5.47
N LEU B 17 8.17 18.55 4.64
CA LEU B 17 8.82 18.65 3.35
C LEU B 17 10.29 19.03 3.50
N SER B 18 10.57 20.07 4.29
CA SER B 18 11.90 20.64 4.35
C SER B 18 12.83 19.96 5.34
N GLU B 19 12.34 18.99 6.11
CA GLU B 19 13.16 18.23 7.05
C GLU B 19 12.89 16.74 6.87
N PRO B 20 13.39 16.12 5.80
CA PRO B 20 13.16 14.69 5.60
C PRO B 20 13.96 13.77 6.49
N LEU B 21 14.91 14.29 7.28
CA LEU B 21 15.69 13.47 8.19
C LEU B 21 15.53 13.96 9.62
N SER B 22 15.85 13.07 10.56
CA SER B 22 15.84 13.39 11.98
C SER B 22 17.26 13.68 12.46
N ALA B 23 17.35 14.17 13.70
CA ALA B 23 18.65 14.51 14.27
C ALA B 23 19.51 13.26 14.46
N ALA B 24 18.90 12.16 14.88
CA ALA B 24 19.66 10.93 15.07
C ALA B 24 20.13 10.37 13.73
N GLN B 25 19.31 10.51 12.70
CA GLN B 25 19.74 10.09 11.37
C GLN B 25 20.93 10.91 10.90
N LEU B 26 20.91 12.22 11.19
CA LEU B 26 22.08 13.05 10.89
C LEU B 26 23.29 12.60 11.69
N ARG B 27 23.07 12.12 12.91
CA ARG B 27 24.18 11.63 13.72
C ARG B 27 24.81 10.37 13.11
N ARG B 28 23.98 9.40 12.71
CA ARG B 28 24.57 8.23 12.07
C ARG B 28 25.19 8.58 10.73
N LEU B 29 24.65 9.56 10.00
CA LEU B 29 25.27 9.98 8.75
C LEU B 29 26.64 10.60 9.01
N GLU B 30 26.77 11.38 10.08
CA GLU B 30 28.08 11.89 10.46
C GLU B 30 29.02 10.77 10.86
N GLU B 31 28.48 9.71 11.47
CA GLU B 31 29.32 8.59 11.88
C GLU B 31 29.80 7.73 10.70
N HIS B 32 29.09 7.75 9.58
CA HIS B 32 29.38 6.84 8.47
C HIS B 32 30.73 7.15 7.83
N ARG B 33 31.37 6.10 7.33
CA ARG B 33 32.63 6.20 6.61
C ARG B 33 32.53 5.41 5.31
N TYR B 34 33.08 5.98 4.24
CA TYR B 34 32.99 5.37 2.92
C TYR B 34 34.06 4.31 2.72
N SER B 35 33.67 3.22 2.07
CA SER B 35 34.59 2.13 1.78
C SER B 35 34.20 1.45 0.47
N ALA B 36 35.18 0.85 -0.19
CA ALA B 36 34.96 0.16 -1.45
C ALA B 36 36.04 -0.89 -1.63
N ALA B 37 35.68 -2.00 -2.28
CA ALA B 37 36.58 -3.13 -2.47
C ALA B 37 36.46 -3.67 -3.90
N GLY B 38 36.51 -2.77 -4.89
CA GLY B 38 36.29 -3.20 -6.25
C GLY B 38 37.42 -2.94 -7.23
N VAL B 39 37.98 -4.02 -7.79
CA VAL B 39 39.01 -3.95 -8.83
C VAL B 39 38.63 -4.93 -9.92
N SER B 40 38.63 -4.46 -11.17
CA SER B 40 38.33 -5.33 -12.31
C SER B 40 39.31 -4.98 -13.43
N LEU B 41 39.01 -5.43 -14.64
CA LEU B 41 39.95 -5.36 -15.75
C LEU B 41 40.17 -3.95 -16.30
N LEU B 42 39.10 -3.19 -16.52
CA LEU B 42 39.20 -1.98 -17.32
C LEU B 42 39.62 -0.74 -16.54
N GLU B 43 39.71 -0.81 -15.22
CA GLU B 43 40.11 0.38 -14.46
C GLU B 43 41.58 0.72 -14.60
N PRO B 44 42.55 -0.20 -14.46
CA PRO B 44 43.98 0.20 -14.47
C PRO B 44 44.41 0.96 -15.72
N PRO B 45 43.89 0.65 -16.92
CA PRO B 45 44.19 1.55 -18.04
C PRO B 45 43.54 2.93 -17.92
N LEU B 46 42.50 3.09 -17.09
CA LEU B 46 41.78 4.35 -17.02
C LEU B 46 42.17 5.21 -15.83
N GLN B 47 42.82 4.63 -14.82
CA GLN B 47 43.21 5.40 -13.64
C GLN B 47 44.18 6.52 -13.99
N LEU B 48 45.18 6.20 -14.82
CA LEU B 48 46.16 7.20 -15.25
C LEU B 48 45.48 8.29 -16.06
N TYR B 49 44.55 7.90 -16.94
CA TYR B 49 43.83 8.87 -17.77
C TYR B 49 43.00 9.81 -16.91
N TRP B 50 42.32 9.27 -15.90
CA TRP B 50 41.52 10.08 -15.00
C TRP B 50 42.38 11.05 -14.20
N THR B 51 43.54 10.58 -13.71
CA THR B 51 44.43 11.47 -12.99
C THR B 51 44.97 12.57 -13.89
N TRP B 52 45.28 12.20 -15.14
CA TRP B 52 45.81 13.16 -16.11
C TRP B 52 44.81 14.25 -16.43
N LEU B 53 43.54 13.88 -16.57
CA LEU B 53 42.52 14.93 -16.67
C LEU B 53 42.30 15.63 -15.33
N LEU B 54 42.69 15.00 -14.22
CA LEU B 54 42.41 15.61 -12.93
C LEU B 54 43.30 16.79 -12.61
N GLN B 55 44.62 16.70 -12.89
CA GLN B 55 45.50 17.72 -12.28
C GLN B 55 45.25 19.11 -12.84
N TRP B 56 44.66 19.21 -14.03
CA TRP B 56 44.40 20.51 -14.63
C TRP B 56 43.24 21.23 -13.97
N ILE B 57 42.40 20.50 -13.25
CA ILE B 57 41.22 21.11 -12.60
C ILE B 57 41.69 21.90 -11.38
N PRO B 58 41.26 23.15 -11.24
CA PRO B 58 41.64 23.93 -10.05
C PRO B 58 41.07 23.34 -8.78
N LEU B 59 41.80 23.54 -7.68
CA LEU B 59 41.47 22.90 -6.41
C LEU B 59 40.27 23.52 -5.71
N TRP B 60 39.87 24.73 -6.10
CA TRP B 60 38.76 25.38 -5.42
C TRP B 60 37.39 24.93 -5.90
N MET B 61 37.34 24.11 -6.95
CA MET B 61 36.06 23.65 -7.48
C MET B 61 35.46 22.60 -6.56
N ALA B 62 34.19 22.77 -6.22
CA ALA B 62 33.52 21.84 -5.34
C ALA B 62 33.26 20.51 -6.06
N PRO B 63 33.30 19.40 -5.33
CA PRO B 63 33.05 18.10 -6.00
C PRO B 63 31.63 17.97 -6.51
N ASN B 64 30.65 18.44 -5.74
CA ASN B 64 29.27 18.35 -6.19
C ASN B 64 29.02 19.16 -7.45
N SER B 65 29.80 20.23 -7.65
CA SER B 65 29.72 20.96 -8.91
C SER B 65 30.14 20.08 -10.08
N ILE B 66 31.18 19.26 -9.88
CA ILE B 66 31.60 18.31 -10.90
C ILE B 66 30.50 17.30 -11.19
N THR B 67 29.90 16.75 -10.13
CA THR B 67 28.81 15.78 -10.31
C THR B 67 27.66 16.39 -11.09
N LEU B 68 27.26 17.59 -10.70
CA LEU B 68 26.13 18.26 -11.34
C LEU B 68 26.44 18.60 -12.79
N LEU B 69 27.67 19.00 -13.08
CA LEU B 69 28.03 19.32 -14.46
C LEU B 69 27.94 18.07 -15.33
N GLY B 70 28.47 16.95 -14.84
CA GLY B 70 28.36 15.71 -15.59
C GLY B 70 26.92 15.28 -15.82
N LEU B 71 26.12 15.32 -14.77
CA LEU B 71 24.72 14.93 -14.89
C LEU B 71 23.97 15.84 -15.83
N ALA B 72 24.23 17.15 -15.77
CA ALA B 72 23.54 18.09 -16.64
C ALA B 72 23.91 17.85 -18.10
N VAL B 73 25.19 17.60 -18.38
CA VAL B 73 25.60 17.35 -19.76
C VAL B 73 24.94 16.09 -20.29
N ASN B 74 24.95 15.02 -19.49
CA ASN B 74 24.34 13.77 -19.95
C ASN B 74 22.85 13.92 -20.15
N VAL B 75 22.16 14.58 -19.22
CA VAL B 75 20.71 14.74 -19.32
C VAL B 75 20.35 15.59 -20.53
N VAL B 76 21.09 16.67 -20.78
CA VAL B 76 20.77 17.54 -21.91
C VAL B 76 20.97 16.81 -23.23
N THR B 77 22.10 16.10 -23.37
CA THR B 77 22.35 15.40 -24.63
C THR B 77 21.33 14.28 -24.85
N THR B 78 21.01 13.51 -23.82
CA THR B 78 20.04 12.45 -24.00
C THR B 78 18.63 13.02 -24.24
N LEU B 79 18.33 14.19 -23.67
CA LEU B 79 17.03 14.80 -23.93
C LEU B 79 16.94 15.27 -25.38
N VAL B 80 18.03 15.81 -25.92
CA VAL B 80 18.02 16.21 -27.34
C VAL B 80 17.84 14.98 -28.23
N LEU B 81 18.56 13.91 -27.92
CA LEU B 81 18.40 12.68 -28.70
C LEU B 81 16.99 12.11 -28.58
N ILE B 82 16.38 12.24 -27.41
CA ILE B 82 14.98 11.82 -27.26
C ILE B 82 14.07 12.72 -28.08
N SER B 83 14.40 14.02 -28.14
CA SER B 83 13.59 14.95 -28.91
C SER B 83 13.58 14.59 -30.39
N TYR B 84 14.72 14.19 -30.93
CA TYR B 84 14.70 13.82 -32.34
C TYR B 84 14.19 12.41 -32.58
N CYS B 85 13.97 11.60 -31.55
CA CYS B 85 13.43 10.26 -31.70
C CYS B 85 12.60 9.90 -30.49
N PRO B 86 11.36 10.41 -30.39
CA PRO B 86 10.51 10.04 -29.26
C PRO B 86 10.19 8.57 -29.22
N THR B 87 10.06 7.92 -30.36
CA THR B 87 9.92 6.48 -30.43
C THR B 87 11.30 5.88 -30.67
N ALA B 88 11.33 4.59 -30.98
CA ALA B 88 12.61 3.91 -31.17
C ALA B 88 12.64 3.14 -32.49
N THR B 89 11.90 3.62 -33.50
CA THR B 89 11.88 2.95 -34.80
C THR B 89 12.39 3.84 -35.93
N GLU B 90 13.13 4.89 -35.60
CA GLU B 90 13.61 5.85 -36.59
C GLU B 90 14.97 6.38 -36.19
N GLU B 91 15.71 6.88 -37.18
CA GLU B 91 17.10 7.26 -37.01
C GLU B 91 17.21 8.78 -36.87
N ALA B 92 17.93 9.20 -35.84
CA ALA B 92 18.33 10.59 -35.69
C ALA B 92 19.59 10.84 -36.51
N PRO B 93 19.92 12.10 -36.79
CA PRO B 93 21.20 12.39 -37.46
C PRO B 93 22.38 11.97 -36.59
N TYR B 94 23.49 11.65 -37.27
CA TYR B 94 24.65 11.06 -36.59
C TYR B 94 25.32 12.03 -35.62
N TRP B 95 25.15 13.34 -35.82
CA TRP B 95 25.83 14.30 -34.95
C TRP B 95 25.30 14.21 -33.52
N THR B 96 24.00 13.94 -33.35
CA THR B 96 23.49 13.81 -31.99
C THR B 96 23.94 12.50 -31.35
N TYR B 97 24.16 11.45 -32.15
CA TYR B 97 24.75 10.23 -31.62
C TYR B 97 26.16 10.48 -31.09
N LEU B 98 26.98 11.17 -31.89
CA LEU B 98 28.33 11.47 -31.42
C LEU B 98 28.31 12.38 -30.20
N LEU B 99 27.41 13.37 -30.18
CA LEU B 99 27.33 14.28 -29.04
C LEU B 99 26.90 13.56 -27.78
N CYS B 100 25.93 12.65 -27.88
CA CYS B 100 25.50 11.91 -26.70
C CYS B 100 26.57 10.93 -26.23
N ALA B 101 27.34 10.35 -27.16
CA ALA B 101 28.47 9.52 -26.76
C ALA B 101 29.51 10.33 -26.01
N LEU B 102 29.83 11.52 -26.50
CA LEU B 102 30.80 12.37 -25.82
C LEU B 102 30.26 12.79 -24.46
N GLY B 103 28.95 13.01 -24.36
CA GLY B 103 28.34 13.30 -23.07
C GLY B 103 28.50 12.17 -22.09
N LEU B 104 28.30 10.93 -22.56
CA LEU B 104 28.48 9.78 -21.67
C LEU B 104 29.93 9.66 -21.21
N PHE B 105 30.88 9.86 -22.13
CA PHE B 105 32.29 9.74 -21.76
C PHE B 105 32.71 10.83 -20.78
N ILE B 106 32.27 12.08 -21.03
CA ILE B 106 32.64 13.15 -20.10
C ILE B 106 31.94 12.95 -18.77
N TYR B 107 30.76 12.33 -18.76
CA TYR B 107 30.08 12.03 -17.50
C TYR B 107 30.89 11.03 -16.68
N GLN B 108 31.35 9.95 -17.32
CA GLN B 108 32.17 8.97 -16.60
C GLN B 108 33.46 9.60 -16.10
N SER B 109 34.09 10.44 -16.93
CA SER B 109 35.32 11.11 -16.52
C SER B 109 35.08 12.01 -15.31
N LEU B 110 33.98 12.77 -15.33
CA LEU B 110 33.72 13.67 -14.22
C LEU B 110 33.34 12.90 -12.96
N ASP B 111 32.69 11.74 -13.09
CA ASP B 111 32.40 10.93 -11.90
C ASP B 111 33.68 10.40 -11.27
N ALA B 112 34.60 9.87 -12.09
CA ALA B 112 35.87 9.41 -11.52
C ALA B 112 36.62 10.58 -10.88
N ILE B 113 36.59 11.73 -11.54
CA ILE B 113 37.26 12.92 -11.01
C ILE B 113 36.65 13.34 -9.68
N ASP B 114 35.31 13.29 -9.56
CA ASP B 114 34.70 13.82 -8.35
C ASP B 114 34.97 12.89 -7.18
N GLY B 115 34.96 11.58 -7.44
CA GLY B 115 35.34 10.63 -6.41
C GLY B 115 36.77 10.83 -5.93
N LYS B 116 37.67 11.09 -6.87
CA LYS B 116 39.08 11.27 -6.52
C LYS B 116 39.60 12.61 -6.02
N GLN B 117 39.22 13.68 -6.69
CA GLN B 117 39.65 14.99 -6.30
C GLN B 117 38.98 15.64 -5.17
N ALA B 118 37.91 15.01 -4.73
CA ALA B 118 37.21 15.55 -3.62
C ALA B 118 37.93 15.13 -2.38
N ARG B 119 38.59 14.00 -2.45
CA ARG B 119 39.25 13.51 -1.27
C ARG B 119 40.40 14.40 -0.95
N ARG B 120 40.77 15.22 -1.92
CA ARG B 120 41.92 16.05 -1.74
C ARG B 120 41.78 17.14 -0.67
N THR B 121 40.58 17.44 -0.20
CA THR B 121 40.36 18.55 0.71
C THR B 121 39.70 17.62 1.69
N ASN B 122 39.50 18.06 2.93
CA ASN B 122 38.76 17.23 3.89
C ASN B 122 37.36 17.54 3.46
N SER B 123 37.05 17.22 2.22
CA SER B 123 35.74 17.49 1.71
C SER B 123 35.04 16.19 1.80
N CYS B 124 35.82 15.12 1.91
CA CYS B 124 35.23 13.83 2.10
C CYS B 124 34.20 14.17 3.12
N SER B 125 32.95 13.92 2.81
CA SER B 125 31.92 14.32 3.70
C SER B 125 30.83 13.43 3.21
N PRO B 126 29.80 13.24 4.01
CA PRO B 126 28.72 12.49 3.43
C PRO B 126 27.75 13.09 2.50
N LEU B 127 27.99 14.27 1.99
CA LEU B 127 27.11 14.81 0.99
C LEU B 127 27.80 14.57 -0.31
N GLY B 128 28.96 13.96 -0.21
CA GLY B 128 29.74 13.65 -1.38
C GLY B 128 29.18 12.39 -1.92
N GLU B 129 28.55 11.65 -1.06
CA GLU B 129 27.86 10.52 -1.56
C GLU B 129 26.49 11.04 -1.31
N LEU B 130 25.50 10.20 -1.18
CA LEU B 130 24.16 10.71 -1.11
C LEU B 130 24.08 11.78 -2.16
N PHE B 131 24.92 11.65 -3.18
CA PHE B 131 24.88 12.55 -4.32
C PHE B 131 25.37 11.69 -5.47
N ASP B 132 26.65 11.36 -5.50
CA ASP B 132 27.08 10.46 -6.56
C ASP B 132 26.09 9.31 -6.64
N HIS B 133 25.54 8.82 -5.55
CA HIS B 133 24.52 7.85 -5.69
C HIS B 133 23.16 8.35 -6.02
N GLY B 134 22.94 9.65 -6.06
CA GLY B 134 21.71 10.13 -6.69
C GLY B 134 21.92 10.49 -8.15
N CYS B 135 23.00 11.21 -8.45
CA CYS B 135 23.31 11.55 -9.83
C CYS B 135 23.58 10.30 -10.65
N ASP B 136 24.20 9.29 -10.04
CA ASP B 136 24.45 8.04 -10.75
C ASP B 136 23.16 7.31 -11.07
N SER B 137 22.16 7.38 -10.18
CA SER B 137 20.86 6.77 -10.48
C SER B 137 20.20 7.45 -11.67
N LEU B 138 20.15 8.78 -11.66
CA LEU B 138 19.58 9.50 -12.79
C LEU B 138 20.32 9.18 -14.08
N SER B 139 21.65 9.14 -14.01
CA SER B 139 22.43 8.84 -15.20
C SER B 139 22.21 7.41 -15.67
N THR B 140 21.96 6.48 -14.76
CA THR B 140 21.65 5.11 -15.16
C THR B 140 20.39 5.07 -16.01
N VAL B 141 19.33 5.74 -15.55
CA VAL B 141 18.08 5.73 -16.31
C VAL B 141 18.28 6.38 -17.68
N PHE B 142 18.90 7.56 -17.69
CA PHE B 142 19.06 8.29 -18.95
C PHE B 142 19.96 7.53 -19.92
N MET B 143 21.00 6.89 -19.40
CA MET B 143 21.91 6.15 -20.25
C MET B 143 21.25 4.92 -20.83
N ALA B 144 20.40 4.25 -20.04
CA ALA B 144 19.67 3.10 -20.57
C ALA B 144 18.74 3.52 -21.70
N VAL B 145 18.03 4.64 -21.52
CA VAL B 145 17.16 5.13 -22.58
C VAL B 145 17.96 5.49 -23.82
N GLY B 146 19.09 6.19 -23.63
CA GLY B 146 19.89 6.59 -24.78
C GLY B 146 20.47 5.43 -25.55
N ALA B 147 21.02 4.44 -24.84
CA ALA B 147 21.56 3.26 -25.51
C ALA B 147 20.48 2.47 -26.20
N SER B 148 19.31 2.37 -25.59
CA SER B 148 18.24 1.62 -26.21
C SER B 148 17.66 2.33 -27.44
N ILE B 149 17.67 3.66 -27.45
CA ILE B 149 17.24 4.37 -28.65
C ILE B 149 18.26 4.18 -29.76
N ALA B 150 19.55 4.35 -29.45
CA ALA B 150 20.57 4.35 -30.50
C ALA B 150 20.64 3.00 -31.21
N ALA B 151 20.29 1.92 -30.51
CA ALA B 151 20.23 0.61 -31.15
C ALA B 151 18.91 0.35 -31.85
N ARG B 152 17.97 1.30 -31.79
CA ARG B 152 16.66 1.21 -32.44
C ARG B 152 15.89 -0.03 -31.98
N LEU B 153 15.68 -0.13 -30.68
CA LEU B 153 15.00 -1.31 -30.15
C LEU B 153 13.49 -1.25 -30.31
N GLY B 154 12.95 -0.22 -30.96
CA GLY B 154 11.52 -0.15 -31.16
C GLY B 154 10.95 -1.27 -32.02
N THR B 155 11.77 -1.85 -32.89
CA THR B 155 11.32 -3.01 -33.66
C THR B 155 11.15 -4.25 -32.80
N TYR B 156 11.75 -4.26 -31.61
CA TYR B 156 11.57 -5.33 -30.63
C TYR B 156 11.19 -4.69 -29.31
N PRO B 157 9.96 -4.18 -29.19
CA PRO B 157 9.62 -3.32 -28.04
C PRO B 157 9.79 -4.00 -26.70
N ASP B 158 9.52 -5.31 -26.62
CA ASP B 158 9.68 -6.04 -25.36
C ASP B 158 11.08 -5.87 -24.80
N TRP B 159 12.11 -6.11 -25.63
CA TRP B 159 13.49 -5.88 -25.20
C TRP B 159 13.68 -4.44 -24.75
N PHE B 160 13.19 -3.49 -25.55
CA PHE B 160 13.34 -2.07 -25.20
C PHE B 160 12.73 -1.76 -23.86
N PHE B 161 11.73 -2.53 -23.45
CA PHE B 161 11.28 -2.45 -22.07
C PHE B 161 12.21 -3.25 -21.17
N PHE B 162 12.29 -4.55 -21.40
CA PHE B 162 12.84 -5.47 -20.42
C PHE B 162 14.29 -5.15 -20.12
N CYS B 163 15.12 -5.06 -21.17
CA CYS B 163 16.52 -4.67 -21.01
C CYS B 163 16.66 -3.39 -20.22
N SER B 164 15.86 -2.38 -20.56
CA SER B 164 15.97 -1.11 -19.86
C SER B 164 15.69 -1.26 -18.38
N PHE B 165 14.67 -2.04 -18.02
CA PHE B 165 14.38 -2.19 -16.61
C PHE B 165 15.41 -3.08 -15.92
N ILE B 166 16.02 -4.00 -16.67
CA ILE B 166 17.16 -4.70 -16.10
C ILE B 166 18.27 -3.71 -15.80
N GLY B 167 18.43 -2.71 -16.67
CA GLY B 167 19.39 -1.66 -16.41
C GLY B 167 19.12 -0.88 -15.14
N MET B 168 17.88 -0.92 -14.64
CA MET B 168 17.64 -0.39 -13.32
C MET B 168 17.97 -1.43 -12.26
N PHE B 169 17.46 -2.65 -12.45
CA PHE B 169 17.44 -3.63 -11.37
C PHE B 169 18.84 -3.98 -10.90
N VAL B 170 19.77 -4.18 -11.83
CA VAL B 170 21.16 -4.46 -11.48
C VAL B 170 21.70 -3.36 -10.58
N PHE B 171 21.47 -2.10 -10.96
CA PHE B 171 21.88 -0.97 -10.15
C PHE B 171 21.35 -1.12 -8.73
N TYR B 172 20.06 -1.42 -8.60
CA TYR B 172 19.48 -1.60 -7.28
C TYR B 172 20.17 -2.71 -6.53
N CYS B 173 20.42 -3.83 -7.20
CA CYS B 173 21.10 -4.96 -6.56
C CYS B 173 22.45 -4.52 -6.01
N ALA B 174 23.17 -3.71 -6.78
CA ALA B 174 24.46 -3.22 -6.30
C ALA B 174 24.30 -2.49 -4.98
N HIS B 175 23.37 -1.54 -4.92
CA HIS B 175 23.18 -0.85 -3.67
C HIS B 175 22.58 -1.76 -2.62
N TRP B 176 21.75 -2.73 -3.05
CA TRP B 176 21.26 -3.73 -2.12
C TRP B 176 22.41 -4.48 -1.48
N GLN B 177 23.43 -4.80 -2.28
CA GLN B 177 24.65 -5.42 -1.75
C GLN B 177 25.24 -4.57 -0.64
N THR B 178 25.38 -3.26 -0.90
CA THR B 178 25.95 -2.37 0.10
C THR B 178 25.12 -2.37 1.36
N TYR B 179 23.79 -2.47 1.22
CA TYR B 179 22.91 -2.43 2.37
C TYR B 179 23.13 -3.59 3.31
N VAL B 180 23.73 -4.69 2.86
CA VAL B 180 24.00 -5.79 3.76
C VAL B 180 25.49 -6.00 3.97
N SER B 181 26.33 -5.08 3.48
CA SER B 181 27.75 -5.18 3.77
C SER B 181 28.39 -3.86 4.15
N GLY B 182 27.75 -2.72 3.94
CA GLY B 182 28.32 -1.44 4.30
C GLY B 182 29.46 -0.99 3.41
N MET B 183 29.83 -1.78 2.40
CA MET B 183 30.94 -1.46 1.53
C MET B 183 30.60 -1.94 0.12
N LEU B 184 30.96 -1.13 -0.87
CA LEU B 184 30.60 -1.42 -2.25
C LEU B 184 31.59 -2.42 -2.83
N ARG B 185 31.08 -3.59 -3.22
CA ARG B 185 31.87 -4.59 -3.92
C ARG B 185 31.52 -4.49 -5.40
N PHE B 186 32.52 -4.26 -6.24
CA PHE B 186 32.25 -4.03 -7.65
C PHE B 186 32.07 -5.34 -8.41
N GLY B 187 33.11 -6.15 -8.47
CA GLY B 187 33.09 -7.37 -9.25
C GLY B 187 33.98 -7.27 -10.48
N LYS B 188 34.19 -8.43 -11.11
CA LYS B 188 35.12 -8.53 -12.23
C LYS B 188 34.60 -7.86 -13.49
N VAL B 189 33.30 -7.62 -13.59
CA VAL B 189 32.73 -6.83 -14.67
C VAL B 189 31.78 -5.83 -14.03
N ASP B 190 31.92 -4.57 -14.40
CA ASP B 190 31.24 -3.52 -13.65
C ASP B 190 31.01 -2.32 -14.57
N VAL B 191 30.82 -1.15 -13.96
CA VAL B 191 30.26 0.03 -14.61
C VAL B 191 31.12 0.47 -15.78
N THR B 192 32.44 0.36 -15.65
CA THR B 192 33.32 0.81 -16.72
C THR B 192 33.11 0.00 -17.99
N GLU B 193 32.87 -1.31 -17.84
CA GLU B 193 32.60 -2.16 -19.01
C GLU B 193 31.32 -1.73 -19.72
N ILE B 194 30.25 -1.48 -18.98
CA ILE B 194 29.01 -1.01 -19.59
C ILE B 194 29.21 0.33 -20.26
N GLN B 195 29.91 1.24 -19.59
CA GLN B 195 30.07 2.57 -20.14
C GLN B 195 30.89 2.55 -21.43
N ILE B 196 31.97 1.76 -21.47
CA ILE B 196 32.74 1.68 -22.72
C ILE B 196 31.94 0.96 -23.79
N ALA B 197 31.15 -0.06 -23.42
CA ALA B 197 30.34 -0.74 -24.41
C ALA B 197 29.29 0.18 -25.00
N LEU B 198 28.71 1.04 -24.16
CA LEU B 198 27.68 1.95 -24.66
C LEU B 198 28.27 3.08 -25.47
N VAL B 199 29.46 3.57 -25.14
CA VAL B 199 30.03 4.56 -26.05
C VAL B 199 30.46 3.90 -27.35
N ILE B 200 30.82 2.60 -27.31
CA ILE B 200 31.11 1.87 -28.54
C ILE B 200 29.85 1.74 -29.40
N VAL B 201 28.72 1.37 -28.80
CA VAL B 201 27.52 1.21 -29.61
C VAL B 201 27.05 2.57 -30.12
N PHE B 202 27.27 3.63 -29.34
CA PHE B 202 26.91 4.96 -29.81
C PHE B 202 27.76 5.37 -31.02
N VAL B 203 29.08 5.20 -30.93
CA VAL B 203 29.92 5.64 -32.05
C VAL B 203 29.73 4.72 -33.25
N LEU B 204 29.34 3.46 -33.02
CA LEU B 204 29.09 2.56 -34.13
C LEU B 204 27.81 2.94 -34.85
N SER B 205 26.77 3.29 -34.10
CA SER B 205 25.55 3.75 -34.74
C SER B 205 25.69 5.16 -35.29
N ALA B 206 26.73 5.88 -34.89
CA ALA B 206 26.97 7.21 -35.44
C ALA B 206 27.72 7.13 -36.77
N PHE B 207 28.89 6.51 -36.76
CA PHE B 207 29.74 6.48 -37.96
C PHE B 207 29.06 5.73 -39.10
N GLY B 208 28.54 4.54 -38.81
CA GLY B 208 27.73 3.83 -39.77
C GLY B 208 26.27 4.15 -39.62
N GLY B 209 25.49 3.79 -40.64
CA GLY B 209 24.05 3.93 -40.56
C GLY B 209 23.47 3.00 -39.52
N ALA B 210 22.41 3.47 -38.85
CA ALA B 210 21.77 2.65 -37.83
C ALA B 210 21.01 1.48 -38.43
N THR B 211 20.74 1.51 -39.73
CA THR B 211 20.02 0.43 -40.39
C THR B 211 20.79 -0.89 -40.36
N MET B 212 22.10 -0.84 -40.10
CA MET B 212 22.87 -2.07 -39.93
C MET B 212 22.37 -2.89 -38.74
N TRP B 213 21.70 -2.26 -37.79
CA TRP B 213 21.11 -3.03 -36.70
C TRP B 213 19.94 -3.88 -37.16
N ASP B 214 19.41 -3.65 -38.36
CA ASP B 214 18.41 -4.52 -38.93
C ASP B 214 19.00 -5.64 -39.78
N TYR B 215 20.31 -5.65 -39.98
CA TYR B 215 20.95 -6.67 -40.82
C TYR B 215 21.08 -7.95 -40.01
N THR B 216 20.30 -8.97 -40.36
CA THR B 216 20.37 -10.23 -39.65
C THR B 216 21.65 -10.98 -40.02
N ILE B 217 22.03 -11.92 -39.16
CA ILE B 217 23.17 -12.78 -39.43
C ILE B 217 22.69 -13.98 -40.24
N PRO B 218 23.36 -14.33 -41.34
CA PRO B 218 22.93 -15.51 -42.10
C PRO B 218 23.23 -16.82 -41.39
N ILE B 219 24.03 -16.80 -40.33
CA ILE B 219 24.38 -18.03 -39.63
C ILE B 219 23.16 -18.61 -38.90
N LEU B 220 22.43 -17.77 -38.16
CA LEU B 220 21.32 -18.25 -37.35
C LEU B 220 20.07 -17.37 -37.46
N GLU B 221 20.02 -16.46 -38.43
CA GLU B 221 18.85 -15.61 -38.68
C GLU B 221 18.44 -14.82 -37.44
N ILE B 222 19.42 -14.14 -36.85
CA ILE B 222 19.22 -13.33 -35.65
C ILE B 222 19.40 -11.86 -36.02
N LYS B 223 18.51 -11.02 -35.50
CA LYS B 223 18.35 -9.64 -35.96
C LYS B 223 19.56 -8.75 -35.67
N LEU B 224 20.49 -9.21 -34.84
CA LEU B 224 21.74 -8.58 -34.38
C LEU B 224 21.47 -7.52 -33.31
N LYS B 225 20.23 -7.14 -33.06
CA LYS B 225 19.92 -6.40 -31.86
C LYS B 225 19.83 -7.30 -30.65
N ILE B 226 19.98 -8.61 -30.86
CA ILE B 226 19.78 -9.61 -29.82
C ILE B 226 21.13 -9.99 -29.23
N LEU B 227 22.18 -9.95 -30.04
CA LEU B 227 23.51 -10.33 -29.55
C LEU B 227 24.03 -9.41 -28.44
N PRO B 228 24.06 -8.07 -28.60
CA PRO B 228 24.55 -7.25 -27.48
C PRO B 228 23.64 -7.30 -26.27
N VAL B 229 22.31 -7.39 -26.46
CA VAL B 229 21.43 -7.42 -25.31
C VAL B 229 21.56 -8.76 -24.56
N LEU B 230 21.85 -9.85 -25.27
CA LEU B 230 22.10 -11.11 -24.55
C LEU B 230 23.47 -11.15 -23.91
N GLY B 231 24.48 -10.50 -24.50
CA GLY B 231 25.73 -10.34 -23.78
C GLY B 231 25.55 -9.56 -22.49
N PHE B 232 24.79 -8.46 -22.57
CA PHE B 232 24.46 -7.67 -21.39
C PHE B 232 23.68 -8.49 -20.38
N LEU B 233 22.73 -9.29 -20.85
CA LEU B 233 21.93 -10.12 -19.96
C LEU B 233 22.79 -11.16 -19.26
N GLY B 234 23.74 -11.78 -19.98
CA GLY B 234 24.63 -12.74 -19.34
C GLY B 234 25.51 -12.09 -18.28
N GLY B 235 26.06 -10.92 -18.59
CA GLY B 235 26.81 -10.19 -17.59
C GLY B 235 25.96 -9.81 -16.39
N VAL B 236 24.69 -9.48 -16.63
CA VAL B 236 23.74 -9.25 -15.55
C VAL B 236 23.61 -10.50 -14.70
N ILE B 237 23.57 -11.67 -15.32
CA ILE B 237 23.47 -12.91 -14.55
C ILE B 237 24.70 -13.09 -13.65
N PHE B 238 25.90 -12.84 -14.20
CA PHE B 238 27.10 -12.92 -13.36
C PHE B 238 27.04 -11.95 -12.19
N SER B 239 26.76 -10.68 -12.48
CA SER B 239 26.80 -9.65 -11.43
C SER B 239 25.69 -9.86 -10.41
N CYS B 240 24.51 -10.29 -10.84
CA CYS B 240 23.41 -10.48 -9.92
C CYS B 240 23.61 -11.72 -9.06
N SER B 241 24.24 -12.77 -9.60
CA SER B 241 24.61 -13.90 -8.75
C SER B 241 25.65 -13.48 -7.71
N ASN B 242 26.63 -12.69 -8.15
CA ASN B 242 27.66 -12.21 -7.22
C ASN B 242 27.04 -11.36 -6.12
N TYR B 243 26.06 -10.53 -6.46
CA TYR B 243 25.36 -9.74 -5.44
C TYR B 243 24.51 -10.62 -4.53
N PHE B 244 23.68 -11.49 -5.10
CA PHE B 244 22.74 -12.27 -4.31
C PHE B 244 23.41 -13.26 -3.37
N HIS B 245 24.63 -13.70 -3.69
CA HIS B 245 25.32 -14.60 -2.78
C HIS B 245 25.53 -13.96 -1.41
N VAL B 246 25.95 -12.70 -1.40
CA VAL B 246 26.14 -12.00 -0.13
C VAL B 246 24.84 -11.34 0.35
N ILE B 247 23.86 -11.13 -0.53
CA ILE B 247 22.52 -10.76 -0.06
C ILE B 247 21.95 -11.85 0.84
N LEU B 248 22.08 -13.10 0.42
CA LEU B 248 21.56 -14.22 1.20
C LEU B 248 22.58 -14.82 2.15
N HIS B 249 23.82 -14.33 2.16
CA HIS B 249 24.82 -14.87 3.08
C HIS B 249 25.69 -13.81 3.72
N GLY B 250 25.24 -12.56 3.80
CA GLY B 250 25.98 -11.55 4.53
C GLY B 250 25.19 -10.99 5.69
N GLY B 251 25.61 -11.31 6.91
CA GLY B 251 24.94 -10.78 8.08
C GLY B 251 25.90 -9.99 8.95
N VAL B 252 25.71 -8.68 9.02
CA VAL B 252 26.65 -7.78 9.67
C VAL B 252 26.07 -7.20 10.96
N GLY B 253 24.90 -6.56 10.87
CA GLY B 253 24.31 -5.93 12.04
C GLY B 253 23.79 -6.90 13.07
N LYS B 254 23.50 -8.13 12.67
CA LYS B 254 23.00 -9.16 13.58
C LYS B 254 23.50 -10.51 13.07
N ASN B 255 22.86 -11.59 13.52
CA ASN B 255 23.28 -12.93 13.15
C ASN B 255 23.16 -13.15 11.65
N GLY B 256 22.09 -12.65 11.04
CA GLY B 256 21.93 -12.77 9.60
C GLY B 256 21.26 -11.59 8.93
N SER B 257 21.04 -10.52 9.68
CA SER B 257 20.29 -9.39 9.17
C SER B 257 21.23 -8.37 8.52
N THR B 258 20.70 -7.19 8.23
CA THR B 258 21.44 -6.15 7.54
C THR B 258 22.10 -5.21 8.55
N ILE B 259 22.73 -4.15 8.03
CA ILE B 259 23.47 -3.22 8.87
C ILE B 259 22.55 -2.39 9.76
N ALA B 260 21.25 -2.37 9.49
CA ALA B 260 20.29 -1.69 10.34
C ALA B 260 19.39 -2.66 11.10
N GLY B 261 19.66 -3.96 10.99
CA GLY B 261 18.85 -4.97 11.66
C GLY B 261 17.64 -5.41 10.88
N THR B 262 17.33 -4.76 9.77
CA THR B 262 16.17 -5.10 8.97
C THR B 262 16.43 -6.41 8.22
N SER B 263 15.36 -7.15 7.94
CA SER B 263 15.49 -8.40 7.19
C SER B 263 16.10 -8.15 5.83
N VAL B 264 16.95 -9.09 5.40
CA VAL B 264 17.74 -8.89 4.19
C VAL B 264 16.88 -8.80 2.94
N LEU B 265 15.71 -9.41 2.93
CA LEU B 265 14.88 -9.41 1.74
C LEU B 265 13.93 -8.23 1.68
N SER B 266 13.93 -7.36 2.69
CA SER B 266 13.04 -6.20 2.69
C SER B 266 13.30 -5.22 1.56
N PRO B 267 14.54 -4.75 1.30
CA PRO B 267 14.71 -3.73 0.27
C PRO B 267 14.39 -4.19 -1.13
N GLY B 268 14.37 -5.50 -1.38
CA GLY B 268 13.97 -5.99 -2.69
C GLY B 268 12.53 -5.70 -3.03
N LEU B 269 11.68 -5.47 -2.01
CA LEU B 269 10.28 -5.20 -2.26
C LEU B 269 10.07 -3.93 -3.04
N HIS B 270 10.91 -2.91 -2.84
CA HIS B 270 10.75 -1.65 -3.55
C HIS B 270 10.92 -1.84 -5.05
N ILE B 271 12.04 -2.44 -5.46
CA ILE B 271 12.27 -2.61 -6.89
C ILE B 271 11.35 -3.67 -7.45
N GLY B 272 10.93 -4.63 -6.63
CA GLY B 272 9.94 -5.58 -7.08
C GLY B 272 8.61 -4.92 -7.39
N LEU B 273 8.17 -4.00 -6.53
CA LEU B 273 6.92 -3.30 -6.77
C LEU B 273 7.03 -2.42 -8.01
N ILE B 274 8.17 -1.75 -8.20
CA ILE B 274 8.34 -0.90 -9.37
C ILE B 274 8.29 -1.73 -10.65
N ILE B 275 9.03 -2.86 -10.68
CA ILE B 275 9.06 -3.67 -11.89
C ILE B 275 7.70 -4.33 -12.14
N ILE B 276 7.00 -4.73 -11.08
CA ILE B 276 5.69 -5.35 -11.25
C ILE B 276 4.68 -4.33 -11.76
N LEU B 277 4.73 -3.10 -11.27
CA LEU B 277 3.86 -2.06 -11.81
C LEU B 277 4.17 -1.80 -13.27
N ALA B 278 5.45 -1.80 -13.63
CA ALA B 278 5.82 -1.61 -15.03
C ALA B 278 5.29 -2.74 -15.90
N ILE B 279 5.35 -3.98 -15.41
CA ILE B 279 4.81 -5.12 -16.16
C ILE B 279 3.31 -4.97 -16.37
N MET B 280 2.57 -4.62 -15.32
CA MET B 280 1.12 -4.48 -15.48
C MET B 280 0.77 -3.35 -16.45
N ILE B 281 1.41 -2.18 -16.32
CA ILE B 281 1.00 -1.08 -17.18
C ILE B 281 1.48 -1.32 -18.62
N TYR B 282 2.55 -2.09 -18.81
CA TYR B 282 2.86 -2.59 -20.15
C TYR B 282 1.74 -3.46 -20.70
N LYS B 283 1.36 -4.50 -19.97
CA LYS B 283 0.56 -5.53 -20.60
C LYS B 283 -0.91 -5.14 -20.71
N LYS B 284 -1.42 -4.38 -19.74
CA LYS B 284 -2.85 -4.13 -19.70
C LYS B 284 -3.29 -3.09 -20.73
N SER B 285 -2.40 -2.16 -21.09
CA SER B 285 -2.78 -0.96 -21.85
C SER B 285 -3.53 -1.26 -23.13
N ALA B 286 -4.81 -0.89 -23.18
CA ALA B 286 -5.61 -1.14 -24.38
C ALA B 286 -5.17 -0.23 -25.52
N THR B 287 -5.03 1.06 -25.23
CA THR B 287 -4.33 1.94 -26.15
C THR B 287 -2.84 1.71 -25.96
N ASP B 288 -2.13 1.43 -27.04
CA ASP B 288 -0.72 1.09 -26.93
C ASP B 288 0.08 2.36 -26.62
N VAL B 289 0.48 2.51 -25.35
CA VAL B 289 1.26 3.68 -24.97
C VAL B 289 2.67 3.59 -25.56
N PHE B 290 3.21 2.37 -25.71
CA PHE B 290 4.59 2.23 -26.18
C PHE B 290 4.74 2.54 -27.65
N GLU B 291 3.95 1.88 -28.50
CA GLU B 291 4.26 1.93 -29.93
C GLU B 291 4.02 3.31 -30.52
N LYS B 292 3.35 4.20 -29.79
CA LYS B 292 3.21 5.58 -30.20
C LYS B 292 4.02 6.57 -29.37
N HIS B 293 4.33 6.25 -28.11
CA HIS B 293 5.15 7.19 -27.34
C HIS B 293 5.87 6.49 -26.19
N PRO B 294 7.02 5.85 -26.45
CA PRO B 294 7.86 5.35 -25.35
C PRO B 294 8.79 6.45 -24.90
N CYS B 295 9.73 6.13 -24.02
CA CYS B 295 10.77 7.02 -23.50
C CYS B 295 10.20 8.14 -22.64
N LEU B 296 8.89 8.30 -22.56
CA LEU B 296 8.25 9.02 -21.47
C LEU B 296 7.83 8.07 -20.37
N TYR B 297 7.42 6.88 -20.74
CA TYR B 297 7.09 5.85 -19.76
C TYR B 297 8.33 5.43 -18.99
N ILE B 298 9.41 5.13 -19.71
CA ILE B 298 10.64 4.74 -19.04
C ILE B 298 11.22 5.89 -18.24
N LEU B 299 11.07 7.14 -18.71
CA LEU B 299 11.52 8.26 -17.88
C LEU B 299 10.66 8.43 -16.63
N MET B 300 9.37 8.11 -16.70
CA MET B 300 8.54 8.26 -15.51
C MET B 300 8.91 7.23 -14.46
N PHE B 301 9.02 5.96 -14.86
CA PHE B 301 9.62 5.02 -13.94
C PHE B 301 11.08 5.33 -13.64
N GLY B 302 11.74 6.13 -14.48
CA GLY B 302 13.09 6.55 -14.15
C GLY B 302 13.13 7.48 -12.96
N CYS B 303 12.24 8.46 -12.92
CA CYS B 303 12.17 9.35 -11.76
C CYS B 303 11.70 8.60 -10.51
N VAL B 304 10.74 7.68 -10.67
CA VAL B 304 10.28 6.91 -9.52
C VAL B 304 11.39 6.02 -8.97
N PHE B 305 12.07 5.30 -9.85
CA PHE B 305 13.18 4.47 -9.44
C PHE B 305 14.33 5.30 -8.92
N ALA B 306 14.49 6.53 -9.41
CA ALA B 306 15.52 7.41 -8.88
C ALA B 306 15.26 7.75 -7.42
N LYS B 307 14.01 8.10 -7.08
CA LYS B 307 13.74 8.38 -5.68
C LYS B 307 13.88 7.12 -4.83
N VAL B 308 13.41 5.98 -5.32
CA VAL B 308 13.51 4.76 -4.51
C VAL B 308 14.97 4.39 -4.26
N SER B 309 15.82 4.49 -5.29
CA SER B 309 17.23 4.18 -5.09
C SER B 309 17.91 5.22 -4.21
N GLN B 310 17.52 6.49 -4.30
CA GLN B 310 18.06 7.50 -3.39
C GLN B 310 17.70 7.18 -1.95
N LYS B 311 16.48 6.70 -1.72
CA LYS B 311 16.07 6.31 -0.38
C LYS B 311 16.90 5.14 0.11
N LEU B 312 17.20 4.17 -0.75
CA LEU B 312 18.05 3.08 -0.30
C LEU B 312 19.48 3.55 -0.06
N VAL B 313 19.95 4.56 -0.81
CA VAL B 313 21.27 5.14 -0.55
C VAL B 313 21.30 5.72 0.86
N VAL B 314 20.30 6.53 1.19
CA VAL B 314 20.19 7.11 2.53
C VAL B 314 20.10 6.00 3.57
N ALA B 315 19.40 4.92 3.25
CA ALA B 315 19.27 3.82 4.20
C ALA B 315 20.58 3.10 4.45
N HIS B 316 21.45 2.95 3.45
CA HIS B 316 22.65 2.18 3.77
C HIS B 316 23.77 3.05 4.30
N MET B 317 23.82 4.34 3.94
CA MET B 317 24.85 5.11 4.63
C MET B 317 24.33 5.79 5.88
N THR B 318 23.05 5.66 6.20
CA THR B 318 22.52 6.08 7.48
C THR B 318 21.62 4.96 7.97
N LYS B 319 22.04 4.27 9.03
CA LYS B 319 21.44 2.99 9.39
C LYS B 319 19.99 3.16 9.77
N SER B 320 19.09 2.72 8.89
CA SER B 320 17.66 2.91 9.09
C SER B 320 16.92 1.85 8.30
N GLU B 321 15.65 1.67 8.63
CA GLU B 321 14.80 0.71 7.95
C GLU B 321 14.24 1.34 6.68
N LEU B 322 14.03 0.52 5.66
CA LEU B 322 13.38 0.99 4.44
C LEU B 322 11.89 1.16 4.68
N TYR B 323 11.30 2.08 3.93
CA TYR B 323 9.87 2.36 4.03
C TYR B 323 9.25 2.22 2.64
N LEU B 324 8.15 1.48 2.54
CA LEU B 324 7.42 1.38 1.28
C LEU B 324 6.60 2.63 0.99
N GLN B 325 6.10 3.30 2.02
CA GLN B 325 5.24 4.46 1.82
C GLN B 325 6.05 5.59 1.22
N ASP B 326 5.76 5.93 -0.04
CA ASP B 326 6.41 7.04 -0.70
C ASP B 326 5.39 7.79 -1.53
N THR B 327 5.60 9.09 -1.69
CA THR B 327 4.65 9.90 -2.45
C THR B 327 4.79 9.69 -3.96
N VAL B 328 5.97 9.31 -4.43
CA VAL B 328 6.15 9.20 -5.88
C VAL B 328 5.47 7.99 -6.46
N PHE B 329 5.05 7.04 -5.62
CA PHE B 329 4.22 5.99 -6.18
C PHE B 329 2.85 6.48 -6.57
N LEU B 330 2.52 7.73 -6.26
CA LEU B 330 1.35 8.38 -6.85
C LEU B 330 1.52 8.56 -8.36
N GLY B 331 2.75 8.55 -8.86
CA GLY B 331 2.99 8.75 -10.26
C GLY B 331 2.53 7.58 -11.12
N PRO B 332 3.21 6.44 -11.03
CA PRO B 332 2.75 5.26 -11.76
C PRO B 332 1.38 4.80 -11.32
N GLY B 333 1.07 4.92 -10.02
CA GLY B 333 -0.20 4.47 -9.52
C GLY B 333 -1.37 5.16 -10.19
N LEU B 334 -1.20 6.46 -10.50
CA LEU B 334 -2.22 7.18 -11.25
C LEU B 334 -2.55 6.47 -12.55
N LEU B 335 -1.52 6.10 -13.32
CA LEU B 335 -1.73 5.31 -14.52
C LEU B 335 -2.54 4.07 -14.22
N PHE B 336 -2.15 3.36 -13.15
CA PHE B 336 -2.86 2.17 -12.73
C PHE B 336 -4.33 2.44 -12.56
N LEU B 337 -4.67 3.52 -11.84
CA LEU B 337 -6.07 3.85 -11.65
C LEU B 337 -6.72 4.19 -12.98
N ASP B 338 -6.05 4.98 -13.81
CA ASP B 338 -6.64 5.35 -15.08
C ASP B 338 -6.65 4.14 -16.01
N GLN B 339 -5.89 3.10 -15.69
CA GLN B 339 -6.04 1.85 -16.41
C GLN B 339 -6.96 0.88 -15.71
N TYR B 340 -7.19 1.04 -14.41
CA TYR B 340 -8.12 0.15 -13.74
C TYR B 340 -9.53 0.37 -14.25
N PHE B 341 -9.90 1.63 -14.45
CA PHE B 341 -11.16 1.94 -15.11
C PHE B 341 -10.95 1.74 -16.61
N ASN B 342 -11.92 2.15 -17.42
CA ASN B 342 -11.55 2.39 -18.79
C ASN B 342 -10.73 3.67 -18.86
N ASN B 343 -10.23 3.98 -20.05
CA ASN B 343 -9.35 5.14 -20.21
C ASN B 343 -10.51 6.06 -19.89
N PHE B 344 -10.29 6.92 -18.89
CA PHE B 344 -11.33 7.83 -18.41
C PHE B 344 -10.70 9.14 -18.84
N ILE B 345 -9.39 9.28 -18.66
CA ILE B 345 -8.61 10.34 -19.26
C ILE B 345 -7.66 9.69 -20.25
N ASP B 346 -7.38 10.41 -21.35
CA ASP B 346 -6.50 9.87 -22.38
C ASP B 346 -5.13 9.56 -21.80
N GLU B 347 -4.62 8.36 -22.12
CA GLU B 347 -3.49 7.80 -21.37
C GLU B 347 -2.22 8.60 -21.56
N TYR B 348 -2.04 9.20 -22.73
CA TYR B 348 -0.87 10.03 -22.95
C TYR B 348 -0.87 11.25 -22.03
N VAL B 349 -2.04 11.83 -21.81
CA VAL B 349 -2.13 13.03 -20.96
C VAL B 349 -1.89 12.67 -19.51
N VAL B 350 -2.45 11.56 -19.03
CA VAL B 350 -2.19 11.17 -17.65
C VAL B 350 -0.75 10.72 -17.47
N LEU B 351 -0.13 10.19 -18.53
CA LEU B 351 1.29 9.86 -18.45
C LEU B 351 2.13 11.12 -18.29
N TRP B 352 1.80 12.17 -19.03
CA TRP B 352 2.51 13.44 -18.84
C TRP B 352 2.26 14.04 -17.47
N MET B 353 1.04 13.90 -16.95
CA MET B 353 0.77 14.36 -15.59
C MET B 353 1.61 13.57 -14.58
N ALA B 354 1.77 12.26 -14.81
CA ALA B 354 2.60 11.45 -13.95
C ALA B 354 4.06 11.86 -14.02
N MET B 355 4.56 12.13 -15.23
CA MET B 355 5.83 12.80 -15.43
C MET B 355 6.00 14.03 -14.53
N VAL B 356 5.05 14.95 -14.60
CA VAL B 356 5.20 16.21 -13.88
C VAL B 356 5.18 15.98 -12.36
N ILE B 357 4.23 15.17 -11.88
CA ILE B 357 4.10 15.00 -10.43
C ILE B 357 5.29 14.23 -9.87
N SER B 358 5.73 13.16 -10.55
CA SER B 358 6.87 12.39 -10.07
C SER B 358 8.16 13.20 -10.15
N SER B 359 8.34 13.98 -11.21
CA SER B 359 9.53 14.80 -11.33
C SER B 359 9.61 15.84 -10.24
N PHE B 360 8.51 16.55 -9.97
CA PHE B 360 8.53 17.52 -8.88
C PHE B 360 8.75 16.87 -7.53
N ASP B 361 8.10 15.73 -7.26
CA ASP B 361 8.29 15.12 -5.95
C ASP B 361 9.72 14.63 -5.77
N MET B 362 10.32 14.04 -6.81
CA MET B 362 11.71 13.60 -6.72
C MET B 362 12.66 14.77 -6.52
N VAL B 363 12.47 15.83 -7.32
CA VAL B 363 13.38 16.97 -7.24
C VAL B 363 13.25 17.65 -5.88
N ILE B 364 12.02 17.82 -5.39
CA ILE B 364 11.81 18.45 -4.09
C ILE B 364 12.43 17.62 -2.99
N TYR B 365 12.25 16.30 -3.03
CA TYR B 365 12.86 15.45 -2.01
C TYR B 365 14.37 15.55 -2.03
N PHE B 366 14.96 15.51 -3.22
CA PHE B 366 16.42 15.48 -3.30
C PHE B 366 17.03 16.81 -2.88
N SER B 367 16.45 17.92 -3.34
CA SER B 367 16.97 19.23 -2.94
C SER B 367 16.75 19.47 -1.46
N ALA B 368 15.62 19.04 -0.90
CA ALA B 368 15.40 19.17 0.53
C ALA B 368 16.41 18.35 1.31
N LEU B 369 16.72 17.15 0.83
CA LEU B 369 17.71 16.30 1.50
C LEU B 369 19.07 16.97 1.51
N CYS B 370 19.52 17.46 0.36
CA CYS B 370 20.84 18.10 0.33
C CYS B 370 20.86 19.36 1.16
N LEU B 371 19.77 20.14 1.15
CA LEU B 371 19.72 21.36 1.95
C LEU B 371 19.77 21.04 3.44
N GLN B 372 19.05 20.02 3.89
CA GLN B 372 19.09 19.65 5.30
C GLN B 372 20.46 19.16 5.71
N ILE B 373 21.10 18.35 4.86
CA ILE B 373 22.43 17.86 5.17
C ILE B 373 23.42 19.02 5.26
N SER B 374 23.31 19.97 4.34
CA SER B 374 24.19 21.13 4.37
C SER B 374 23.96 22.00 5.60
N ARG B 375 22.69 22.21 5.97
CA ARG B 375 22.40 23.11 7.08
C ARG B 375 22.74 22.49 8.42
N HIS B 376 22.53 21.18 8.58
CA HIS B 376 22.84 20.54 9.86
C HIS B 376 24.34 20.55 10.14
N LEU B 377 25.15 20.30 9.12
CA LEU B 377 26.60 20.30 9.28
C LEU B 377 27.21 21.68 9.22
N HIS B 378 26.39 22.72 8.98
CA HIS B 378 26.85 24.10 8.82
C HIS B 378 27.93 24.21 7.75
N LEU B 379 27.73 23.49 6.65
CA LEU B 379 28.66 23.48 5.53
C LEU B 379 27.92 23.86 4.26
N ASN B 380 28.56 24.69 3.45
CA ASN B 380 27.99 25.05 2.16
C ASN B 380 27.99 23.86 1.22
N ILE B 381 27.00 23.84 0.31
CA ILE B 381 26.95 22.78 -0.69
C ILE B 381 28.13 22.87 -1.64
N PHE B 382 28.70 24.06 -1.81
CA PHE B 382 29.88 24.27 -2.63
C PHE B 382 30.97 24.86 -1.76
N LYS B 383 32.15 24.26 -1.81
CA LYS B 383 33.28 24.75 -1.02
C LYS B 383 34.43 25.19 -1.93
#